data_9RS6
#
_entry.id   9RS6
#
_cell.length_a   1.00
_cell.length_b   1.00
_cell.length_c   1.00
_cell.angle_alpha   90.00
_cell.angle_beta   90.00
_cell.angle_gamma   90.00
#
_symmetry.space_group_name_H-M   'P 1'
#
loop_
_entity.id
_entity.type
_entity.pdbx_description
1 polymer 'Vacuolar fusion protein MON1'
2 polymer 'CCZ1/INTU/HSP4 first Longin domain-containing protein'
#
loop_
_entity_poly.entity_id
_entity_poly.type
_entity_poly.pdbx_seq_one_letter_code
_entity_poly.pdbx_strand_id
1 'polypeptide(L)'
;GPLGSMTQNNAPESVAAEGTVAGQQTDTTKPEPSSQPAPEPPSQVTTDFPPNNKPNDVPATEPASSSPRPTEPPAPPPPK
PTIALSPLDIATLTFPDGTRGTFPAPPQTSAQSVSTPSIASGHVTPQRDTDTASITSVAGTLRGVTGTAGDLASLLAGDG
LGRKSKAWRVLRAQQQACGEGSGEEGEITEIEGLGLGEGMEGFERELDNIPDTLPDDERLALWKGKLKHYLILSSAGKPI
WSRHGDLSLVNSTMGVVQTIISFYEGARNPLLGFTAGKVRFVILIKGPLYFVAISRLRESDAQLRAQLEALYMQILSTLT
LPILTNIFAHRPSTDLRGPLQGTESLLASLADSFTKGSPSTLLSALECLRLRKSQRQAITNIFLKSRCEELLYGLLVAGG
KLVSVIRPRKHSLHPSDLQLIFNMLFESGGIKGNGGENWIPLCLPAFNNTGYLYMYVSFLDDKAPDDQNQPPESSNLDAS
NKNSSNTPDDDLTALILISPSREAFYALQSMRTRLVSQLLSTGYLSLIRSTALSGRPSITSILPKTPLLHFLYKSRPNVQ
WCMSSLSSLTPPGATATETLLARRKLMSVYEELHAALHARHAHLRVVYSTADEKEGEGLACLGWSTPAFEVYCVAPGCVG
RAGMAREVNRVVQWARREEERLFILGGGVF
;
A
2 'polypeptide(L)'
;SMTTPVSPSPSGIIPAQLGFLAIYNPALGTTDETLEDQIVYYATASTLSQARRRHRRPRRRDRQRAQSVVKDSRPNAAGA
TGDSEAVAEDKDPVSKEERHERLRQIGLAQGMVEFAKSFSDGEPVDTIDTEKARVILVEVEEGWWILASIDLTRLPLPQI
KTPTSSSAPPPAPNLNPLPPEPAYEYSSREVKPPSLLRADLLRAYDLFLLHHGSSLSSLLASQGRAQLVASLTRFWDHFL
ATWNVLLHGNPACDVFGGIKLAASGELGIGVGEEERGSGEREVLEGLVERVEGLVDVVVGRYGGPPSEKGPEEEQWLGLG
GEVGEEDGAVFLGVGALDRKSLRGVVQWMEEVYVWGENAFGKPRRDLSTGHFLLGLSECSEEELTSSQANPKAIFVELKP
SYQHPSRKIPPEDPQPLGKVGPELPRDHTARLRPVIYVSQPFIYILLFSEITPSPSTWPTLAESLHAQLSPLQKPLLHST
SYRPERPVVETTSSSGTTTQHQIFDLVYDTETLTLQSTIPNIPDPFPYSATTPTGHSTGQQHHQQSIWTRVEALQTHAQI
LAILSSGRAIPTDPSSFTHLPWEEGERTCKTARGWWIVWTRVVEHSPPDAVSLHHARDDDDNDDDASCSVLGHLRSVSSS
HAAGSTSSSSGSGFGLGAIPGLGGLGGWAADGATRLAQGIGIDTRRYVEGLLTSLGR
;
B
#
# COMPACT_ATOMS: atom_id res chain seq x y z
N LEU A 194 6.80 25.06 10.08
CA LEU A 194 6.61 23.69 9.63
C LEU A 194 7.92 22.93 9.70
N GLY A 195 7.84 21.63 9.98
CA GLY A 195 9.02 20.78 10.11
C GLY A 195 9.88 20.74 8.87
N LEU A 196 11.18 20.98 9.03
CA LEU A 196 12.10 21.04 7.91
C LEU A 196 12.95 19.79 7.82
N GLY A 197 13.31 19.42 6.59
CA GLY A 197 14.17 18.30 6.32
C GLY A 197 13.61 16.93 6.66
N GLU A 198 12.35 16.68 6.31
CA GLU A 198 11.74 15.38 6.50
C GLU A 198 11.64 14.64 5.18
N GLY A 199 11.61 13.31 5.28
CA GLY A 199 11.47 12.45 4.12
C GLY A 199 12.60 12.56 3.13
N MET A 200 12.28 12.86 1.87
CA MET A 200 13.27 12.97 0.82
C MET A 200 14.14 14.22 1.02
N GLU A 201 15.31 14.21 0.38
CA GLU A 201 16.29 15.27 0.56
C GLU A 201 16.90 15.76 -0.73
N GLY A 202 16.54 15.20 -1.88
CA GLY A 202 17.13 15.62 -3.14
C GLY A 202 16.15 16.31 -4.06
N PHE A 203 15.26 17.12 -3.50
CA PHE A 203 14.23 17.76 -4.30
C PHE A 203 14.60 19.20 -4.68
N GLU A 204 15.59 19.79 -4.02
CA GLU A 204 16.00 21.15 -4.35
C GLU A 204 16.51 21.25 -5.78
N ARG A 205 17.15 20.20 -6.28
CA ARG A 205 17.62 20.15 -7.66
C ARG A 205 16.90 19.11 -8.50
N GLU A 206 15.80 18.55 -7.99
CA GLU A 206 15.09 17.51 -8.73
C GLU A 206 14.49 18.05 -10.02
N LEU A 207 13.93 19.27 -9.98
CA LEU A 207 13.36 19.86 -11.19
C LEU A 207 14.44 20.30 -12.17
N ASP A 208 15.67 20.47 -11.72
CA ASP A 208 16.75 20.89 -12.61
C ASP A 208 17.05 19.76 -13.60
N ASN A 209 17.01 20.09 -14.90
CA ASN A 209 17.23 19.09 -15.93
C ASN A 209 18.68 18.63 -15.93
N ILE A 210 18.87 17.36 -16.31
CA ILE A 210 20.21 16.79 -16.40
C ILE A 210 20.92 17.43 -17.59
N PRO A 211 22.10 18.02 -17.40
CA PRO A 211 22.81 18.61 -18.53
C PRO A 211 23.29 17.55 -19.51
N ASP A 212 23.62 18.00 -20.71
CA ASP A 212 24.14 17.12 -21.75
C ASP A 212 25.65 17.21 -21.90
N THR A 213 26.31 18.12 -21.19
CA THR A 213 27.75 18.27 -21.32
C THR A 213 28.49 17.10 -20.67
N LEU A 214 28.07 16.71 -19.47
CA LEU A 214 28.74 15.63 -18.75
C LEU A 214 28.50 14.29 -19.45
N PRO A 215 29.46 13.37 -19.37
CA PRO A 215 29.35 12.10 -20.11
C PRO A 215 28.14 11.28 -19.70
N ASP A 216 27.85 10.26 -20.52
CA ASP A 216 26.55 9.59 -20.45
C ASP A 216 26.44 8.68 -19.22
N ASP A 217 27.56 8.23 -18.67
CA ASP A 217 27.51 7.37 -17.48
C ASP A 217 26.90 8.11 -16.29
N GLU A 218 27.55 9.18 -15.86
CA GLU A 218 26.99 9.98 -14.78
C GLU A 218 25.73 10.72 -15.21
N ARG A 219 25.51 10.88 -16.52
CA ARG A 219 24.24 11.41 -16.99
C ARG A 219 23.09 10.48 -16.64
N LEU A 220 23.26 9.19 -16.95
CA LEU A 220 22.26 8.19 -16.58
C LEU A 220 22.16 8.04 -15.08
N ALA A 221 23.28 8.17 -14.37
CA ALA A 221 23.25 8.14 -12.91
C ALA A 221 22.39 9.27 -12.36
N LEU A 222 22.57 10.49 -12.89
CA LEU A 222 21.75 11.62 -12.48
C LEU A 222 20.28 11.41 -12.84
N TRP A 223 20.01 10.86 -14.03
CA TRP A 223 18.63 10.59 -14.41
C TRP A 223 17.97 9.61 -13.45
N LYS A 224 18.64 8.51 -13.15
CA LYS A 224 18.10 7.54 -12.21
C LYS A 224 18.04 8.08 -10.79
N GLY A 225 18.85 9.09 -10.46
CA GLY A 225 18.77 9.72 -9.16
C GLY A 225 17.61 10.66 -8.98
N LYS A 226 16.89 10.99 -10.05
CA LYS A 226 15.73 11.85 -9.93
C LYS A 226 14.62 11.15 -9.16
N LEU A 227 13.89 11.94 -8.36
CA LEU A 227 12.85 11.37 -7.51
C LEU A 227 11.64 10.93 -8.31
N LYS A 228 11.33 11.60 -9.41
CA LYS A 228 10.13 11.32 -10.18
C LYS A 228 10.46 11.22 -11.66
N HIS A 229 9.84 10.24 -12.33
CA HIS A 229 10.02 10.01 -13.75
C HIS A 229 8.65 9.86 -14.42
N TYR A 230 8.51 10.49 -15.58
CA TYR A 230 7.35 10.29 -16.44
C TYR A 230 7.85 9.87 -17.81
N LEU A 231 7.35 8.74 -18.31
CA LEU A 231 7.75 8.25 -19.62
C LEU A 231 6.52 7.84 -20.41
N ILE A 232 6.54 8.15 -21.71
CA ILE A 232 5.50 7.73 -22.64
C ILE A 232 6.20 6.91 -23.72
N LEU A 233 5.68 5.71 -23.98
CA LEU A 233 6.24 4.85 -25.01
C LEU A 233 5.15 4.24 -25.88
N SER A 234 5.54 3.84 -27.09
CA SER A 234 4.60 3.33 -28.07
C SER A 234 4.33 1.85 -27.85
N SER A 235 3.48 1.28 -28.70
CA SER A 235 3.15 -0.13 -28.60
C SER A 235 4.36 -1.01 -28.82
N ALA A 236 5.20 -0.66 -29.80
CA ALA A 236 6.48 -1.34 -30.00
C ALA A 236 7.50 -1.01 -28.92
N GLY A 237 7.22 -0.01 -28.08
CA GLY A 237 8.08 0.35 -26.98
C GLY A 237 9.22 1.27 -27.32
N LYS A 238 9.34 1.70 -28.58
CA LYS A 238 10.35 2.68 -28.92
C LYS A 238 10.03 4.01 -28.22
N PRO A 239 11.04 4.69 -27.70
CA PRO A 239 10.78 5.81 -26.78
C PRO A 239 10.07 6.97 -27.47
N ILE A 240 9.02 7.46 -26.83
CA ILE A 240 8.22 8.58 -27.34
C ILE A 240 8.53 9.86 -26.59
N TRP A 241 8.48 9.82 -25.25
CA TRP A 241 8.68 11.03 -24.47
C TRP A 241 9.27 10.67 -23.11
N SER A 242 10.29 11.44 -22.71
CA SER A 242 10.90 11.31 -21.39
C SER A 242 10.89 12.67 -20.73
N ARG A 243 10.44 12.72 -19.47
CA ARG A 243 10.35 14.00 -18.76
C ARG A 243 11.73 14.59 -18.53
N HIS A 244 12.65 13.82 -17.94
CA HIS A 244 13.96 14.35 -17.56
C HIS A 244 15.02 14.10 -18.62
N GLY A 245 15.30 12.83 -18.93
CA GLY A 245 16.42 12.51 -19.78
C GLY A 245 16.11 12.65 -21.25
N ASP A 246 17.17 12.64 -22.05
CA ASP A 246 17.03 12.59 -23.50
C ASP A 246 16.56 11.21 -23.93
N LEU A 247 16.06 11.14 -25.16
CA LEU A 247 15.46 9.90 -25.65
C LEU A 247 16.52 8.80 -25.80
N SER A 248 17.71 9.17 -26.28
CA SER A 248 18.79 8.19 -26.41
C SER A 248 19.23 7.67 -25.05
N LEU A 249 19.29 8.55 -24.05
CA LEU A 249 19.65 8.13 -22.69
C LEU A 249 18.64 7.14 -22.14
N VAL A 250 17.34 7.44 -22.29
CA VAL A 250 16.29 6.62 -21.72
C VAL A 250 15.90 5.44 -22.62
N ASN A 251 16.59 5.29 -23.77
CA ASN A 251 16.23 4.25 -24.72
C ASN A 251 16.39 2.86 -24.11
N SER A 252 17.48 2.61 -23.40
CA SER A 252 17.72 1.28 -22.83
C SER A 252 16.70 0.96 -21.73
N THR A 253 16.44 1.93 -20.86
CA THR A 253 15.48 1.73 -19.78
C THR A 253 14.09 1.44 -20.34
N MET A 254 13.67 2.24 -21.33
CA MET A 254 12.35 2.03 -21.92
C MET A 254 12.29 0.75 -22.75
N GLY A 255 13.41 0.31 -23.31
CA GLY A 255 13.44 -0.98 -23.97
C GLY A 255 13.26 -2.14 -22.99
N VAL A 256 13.89 -2.04 -21.82
CA VAL A 256 13.72 -3.08 -20.81
C VAL A 256 12.26 -3.13 -20.34
N VAL A 257 11.69 -1.96 -20.04
CA VAL A 257 10.30 -1.97 -19.60
C VAL A 257 9.37 -2.39 -20.74
N GLN A 258 9.76 -2.14 -21.99
CA GLN A 258 8.96 -2.60 -23.12
C GLN A 258 9.00 -4.11 -23.24
N THR A 259 10.16 -4.73 -23.02
CA THR A 259 10.21 -6.19 -23.01
C THR A 259 9.32 -6.75 -21.91
N ILE A 260 9.34 -6.12 -20.73
CA ILE A 260 8.47 -6.57 -19.63
C ILE A 260 7.00 -6.50 -20.06
N ILE A 261 6.58 -5.36 -20.60
CA ILE A 261 5.19 -5.17 -20.95
C ILE A 261 4.78 -6.07 -22.11
N SER A 262 5.69 -6.29 -23.06
CA SER A 262 5.40 -7.19 -24.17
C SER A 262 5.19 -8.61 -23.68
N PHE A 263 6.01 -9.07 -22.72
CA PHE A 263 5.81 -10.40 -22.18
C PHE A 263 4.49 -10.51 -21.44
N TYR A 264 4.14 -9.49 -20.65
CA TYR A 264 2.86 -9.52 -19.95
C TYR A 264 1.68 -9.48 -20.93
N GLU A 265 1.77 -8.70 -22.01
CA GLU A 265 0.70 -8.67 -22.98
C GLU A 265 0.60 -10.00 -23.73
N GLY A 266 1.74 -10.66 -23.95
CA GLY A 266 1.71 -12.01 -24.49
C GLY A 266 1.14 -13.02 -23.52
N ALA A 267 1.14 -12.68 -22.23
CA ALA A 267 0.56 -13.53 -21.19
C ALA A 267 -0.88 -13.16 -20.86
N ARG A 268 -1.49 -12.27 -21.65
CA ARG A 268 -2.88 -11.85 -21.52
C ARG A 268 -3.13 -11.07 -20.21
N ASN A 269 -2.08 -10.80 -19.45
CA ASN A 269 -2.21 -10.10 -18.17
C ASN A 269 -1.53 -8.74 -18.25
N PRO A 270 -2.29 -7.67 -18.49
CA PRO A 270 -1.68 -6.33 -18.51
C PRO A 270 -1.13 -5.95 -17.14
N LEU A 271 -0.01 -5.22 -17.16
CA LEU A 271 0.64 -4.79 -15.93
C LEU A 271 0.04 -3.48 -15.45
N LEU A 272 -0.14 -3.35 -14.14
CA LEU A 272 -0.63 -2.13 -13.54
C LEU A 272 0.43 -1.42 -12.70
N GLY A 273 1.63 -1.97 -12.61
CA GLY A 273 2.70 -1.39 -11.82
C GLY A 273 3.34 -2.41 -10.90
N PHE A 274 4.48 -2.01 -10.36
CA PHE A 274 5.23 -2.87 -9.44
C PHE A 274 6.07 -1.99 -8.52
N THR A 275 6.23 -2.46 -7.28
CA THR A 275 6.91 -1.70 -6.25
C THR A 275 8.24 -2.33 -5.89
N ALA A 276 9.29 -1.51 -5.88
CA ALA A 276 10.62 -1.93 -5.44
C ALA A 276 10.98 -1.07 -4.23
N GLY A 277 10.59 -1.55 -3.05
CA GLY A 277 10.91 -0.85 -1.81
C GLY A 277 10.31 0.53 -1.77
N LYS A 278 11.18 1.54 -1.81
CA LYS A 278 10.73 2.92 -1.74
C LYS A 278 10.22 3.45 -3.08
N VAL A 279 10.56 2.79 -4.19
CA VAL A 279 10.17 3.30 -5.51
C VAL A 279 8.98 2.50 -6.01
N ARG A 280 8.11 3.16 -6.78
CA ARG A 280 6.92 2.53 -7.31
C ARG A 280 6.76 2.88 -8.78
N PHE A 281 6.48 1.88 -9.60
CA PHE A 281 6.26 2.05 -11.04
C PHE A 281 4.78 1.82 -11.30
N VAL A 282 4.14 2.81 -11.94
CA VAL A 282 2.72 2.71 -12.27
C VAL A 282 2.59 2.88 -13.78
N ILE A 283 1.98 1.90 -14.44
CA ILE A 283 1.81 1.92 -15.89
C ILE A 283 0.33 1.92 -16.22
N LEU A 284 -0.06 2.85 -17.10
CA LEU A 284 -1.42 3.00 -17.56
C LEU A 284 -1.45 2.79 -19.07
N ILE A 285 -2.46 2.06 -19.54
CA ILE A 285 -2.50 1.53 -20.89
C ILE A 285 -3.53 2.36 -21.65
N LYS A 286 -3.09 3.34 -22.45
CA LYS A 286 -4.02 4.19 -23.17
C LYS A 286 -3.76 4.01 -24.67
N GLY A 287 -4.58 3.19 -25.32
CA GLY A 287 -4.41 2.87 -26.71
C GLY A 287 -3.06 2.22 -26.98
N PRO A 288 -2.41 2.62 -28.08
CA PRO A 288 -1.04 2.15 -28.31
C PRO A 288 -0.05 2.69 -27.30
N LEU A 289 -0.41 3.74 -26.58
CA LEU A 289 0.52 4.40 -25.69
C LEU A 289 0.56 3.74 -24.32
N TYR A 290 1.76 3.63 -23.77
CA TYR A 290 1.99 3.19 -22.41
C TYR A 290 2.55 4.39 -21.64
N PHE A 291 1.90 4.74 -20.53
CA PHE A 291 2.36 5.81 -19.66
C PHE A 291 2.90 5.21 -18.37
N VAL A 292 4.15 5.47 -18.06
CA VAL A 292 4.74 4.96 -16.82
C VAL A 292 5.22 6.12 -15.97
N ALA A 293 4.87 6.05 -14.69
CA ALA A 293 5.30 7.03 -13.69
C ALA A 293 6.10 6.29 -12.63
N ILE A 294 7.31 6.75 -12.39
CA ILE A 294 8.24 6.14 -11.45
C ILE A 294 8.43 7.12 -10.30
N SER A 295 7.95 6.75 -9.11
CA SER A 295 7.89 7.68 -8.00
C SER A 295 8.72 7.18 -6.83
N ARG A 296 9.56 8.06 -6.29
CA ARG A 296 10.26 7.83 -5.04
C ARG A 296 9.72 8.70 -3.91
N LEU A 297 8.61 9.39 -4.11
CA LEU A 297 8.09 10.37 -3.18
C LEU A 297 6.98 9.80 -2.29
N ARG A 298 6.90 8.48 -2.17
CA ARG A 298 5.90 7.79 -1.36
C ARG A 298 4.47 8.18 -1.80
N GLU A 299 4.15 7.81 -3.03
CA GLU A 299 2.86 8.12 -3.63
C GLU A 299 2.14 6.82 -4.00
N SER A 300 0.82 6.86 -3.91
CA SER A 300 0.01 5.68 -4.14
C SER A 300 -0.16 5.41 -5.64
N ASP A 301 -0.74 4.25 -5.94
CA ASP A 301 -1.04 3.89 -7.31
C ASP A 301 -2.10 4.83 -7.89
N ALA A 302 -3.07 5.24 -7.08
CA ALA A 302 -4.16 6.08 -7.57
C ALA A 302 -3.66 7.44 -8.02
N GLN A 303 -2.78 8.08 -7.25
CA GLN A 303 -2.30 9.40 -7.61
C GLN A 303 -1.44 9.36 -8.87
N LEU A 304 -0.57 8.35 -8.97
CA LEU A 304 0.25 8.22 -10.17
C LEU A 304 -0.61 7.93 -11.39
N ARG A 305 -1.64 7.10 -11.23
CA ARG A 305 -2.56 6.83 -12.32
C ARG A 305 -3.30 8.10 -12.74
N ALA A 306 -3.70 8.93 -11.76
CA ALA A 306 -4.36 10.18 -12.08
C ALA A 306 -3.45 11.13 -12.83
N GLN A 307 -2.19 11.22 -12.43
CA GLN A 307 -1.24 12.09 -13.13
C GLN A 307 -0.98 11.61 -14.55
N LEU A 308 -0.81 10.29 -14.72
CA LEU A 308 -0.63 9.75 -16.07
C LEU A 308 -1.88 9.96 -16.91
N GLU A 309 -3.05 9.85 -16.29
CA GLU A 309 -4.30 10.12 -16.99
C GLU A 309 -4.39 11.58 -17.41
N ALA A 310 -3.91 12.51 -16.58
CA ALA A 310 -3.89 13.92 -16.97
C ALA A 310 -2.97 14.15 -18.15
N LEU A 311 -1.79 13.51 -18.14
CA LEU A 311 -0.89 13.61 -19.29
C LEU A 311 -1.55 13.05 -20.54
N TYR A 312 -2.24 11.92 -20.41
CA TYR A 312 -2.94 11.34 -21.54
C TYR A 312 -4.05 12.26 -22.04
N MET A 313 -4.75 12.93 -21.11
CA MET A 313 -5.80 13.86 -21.51
C MET A 313 -5.22 15.05 -22.28
N GLN A 314 -4.05 15.52 -21.86
CA GLN A 314 -3.38 16.58 -22.61
C GLN A 314 -3.01 16.11 -24.02
N ILE A 315 -2.50 14.87 -24.13
CA ILE A 315 -2.16 14.32 -25.44
C ILE A 315 -3.41 14.20 -26.30
N LEU A 316 -4.49 13.69 -25.72
CA LEU A 316 -5.75 13.54 -26.44
C LEU A 316 -6.34 14.88 -26.84
N SER A 317 -6.07 15.92 -26.04
CA SER A 317 -6.57 17.25 -26.40
C SER A 317 -5.77 17.85 -27.54
N THR A 318 -4.46 17.61 -27.56
CA THR A 318 -3.67 18.11 -28.69
C THR A 318 -3.94 17.29 -29.96
N LEU A 319 -3.99 15.97 -29.84
CA LEU A 319 -4.23 15.08 -30.98
C LEU A 319 -5.53 14.33 -30.75
N THR A 320 -6.47 14.46 -31.70
CA THR A 320 -7.78 13.85 -31.57
C THR A 320 -7.65 12.32 -31.57
N LEU A 321 -8.64 11.66 -30.95
CA LEU A 321 -8.57 10.22 -30.72
C LEU A 321 -8.37 9.40 -32.00
N PRO A 322 -9.05 9.67 -33.12
CA PRO A 322 -8.68 8.95 -34.36
C PRO A 322 -7.22 9.17 -34.76
N ILE A 323 -6.71 10.40 -34.63
CA ILE A 323 -5.32 10.65 -34.93
C ILE A 323 -4.42 9.96 -33.91
N LEU A 324 -4.84 9.91 -32.65
CA LEU A 324 -4.08 9.20 -31.63
C LEU A 324 -3.97 7.71 -31.94
N THR A 325 -5.06 7.12 -32.44
CA THR A 325 -5.00 5.72 -32.86
C THR A 325 -4.14 5.56 -34.10
N ASN A 326 -4.21 6.51 -35.03
CA ASN A 326 -3.51 6.36 -36.30
C ASN A 326 -1.99 6.54 -36.15
N ILE A 327 -1.55 7.37 -35.20
CA ILE A 327 -0.10 7.58 -35.05
C ILE A 327 0.56 6.34 -34.45
N PHE A 328 -0.15 5.64 -33.57
CA PHE A 328 0.36 4.53 -32.74
C PHE A 328 1.81 4.70 -32.29
N GLY A 338 6.42 14.78 -33.98
CA GLY A 338 5.27 14.24 -34.70
C GLY A 338 4.09 13.94 -33.80
N PRO A 339 4.13 12.80 -33.11
CA PRO A 339 3.05 12.48 -32.17
C PRO A 339 2.89 13.50 -31.05
N LEU A 340 3.97 14.13 -30.62
CA LEU A 340 3.95 15.11 -29.54
C LEU A 340 4.58 16.43 -30.00
N GLN A 341 4.18 16.89 -31.18
CA GLN A 341 4.71 18.14 -31.71
C GLN A 341 4.17 19.33 -30.93
N GLY A 342 5.06 20.05 -30.25
CA GLY A 342 4.65 21.20 -29.46
C GLY A 342 4.18 20.82 -28.07
N THR A 343 3.74 19.58 -27.91
CA THR A 343 3.19 19.13 -26.64
C THR A 343 4.28 18.73 -25.65
N GLU A 344 5.53 18.59 -26.11
CA GLU A 344 6.59 18.13 -25.23
C GLU A 344 6.88 19.12 -24.11
N SER A 345 6.91 20.42 -24.44
CA SER A 345 7.17 21.43 -23.40
C SER A 345 5.99 21.53 -22.43
N LEU A 346 4.77 21.45 -22.95
CA LEU A 346 3.58 21.47 -22.09
C LEU A 346 3.58 20.29 -21.13
N LEU A 347 3.90 19.10 -21.64
CA LEU A 347 3.95 17.92 -20.79
C LEU A 347 5.07 18.01 -19.77
N ALA A 348 6.24 18.51 -20.18
CA ALA A 348 7.34 18.65 -19.23
C ALA A 348 6.98 19.61 -18.10
N SER A 349 6.37 20.75 -18.44
CA SER A 349 5.99 21.72 -17.42
C SER A 349 4.85 21.20 -16.54
N LEU A 350 3.90 20.48 -17.11
CA LEU A 350 2.80 19.92 -16.30
C LEU A 350 3.32 18.82 -15.38
N ALA A 351 4.28 18.03 -15.86
CA ALA A 351 4.91 17.04 -15.01
C ALA A 351 5.73 17.69 -13.90
N ASP A 352 6.38 18.83 -14.20
CA ASP A 352 7.06 19.58 -13.15
C ASP A 352 6.06 20.08 -12.11
N SER A 353 4.89 20.54 -12.56
CA SER A 353 3.85 20.95 -11.63
C SER A 353 3.38 19.78 -10.78
N PHE A 354 3.30 18.58 -11.38
CA PHE A 354 2.98 17.39 -10.61
C PHE A 354 4.04 17.10 -9.56
N THR A 355 5.32 17.23 -9.93
CA THR A 355 6.40 16.96 -8.99
C THR A 355 6.38 17.95 -7.83
N LYS A 356 6.15 19.23 -8.11
CA LYS A 356 6.06 20.24 -7.05
C LYS A 356 4.83 20.05 -6.17
N GLY A 357 3.89 19.20 -6.56
CA GLY A 357 2.69 18.98 -5.80
C GLY A 357 1.53 19.78 -6.35
N SER A 358 0.63 19.11 -7.07
CA SER A 358 -0.51 19.78 -7.68
C SER A 358 -1.80 19.34 -7.00
N PRO A 359 -2.38 20.18 -6.14
CA PRO A 359 -3.62 19.78 -5.45
C PRO A 359 -4.79 19.55 -6.40
N SER A 360 -4.82 20.28 -7.52
CA SER A 360 -5.93 20.15 -8.45
C SER A 360 -5.97 18.76 -9.07
N THR A 361 -4.79 18.20 -9.39
CA THR A 361 -4.75 16.84 -9.92
C THR A 361 -4.93 15.80 -8.82
N LEU A 362 -4.48 16.10 -7.60
CA LEU A 362 -4.73 15.20 -6.48
C LEU A 362 -6.22 15.02 -6.22
N LEU A 363 -6.95 16.13 -6.18
CA LEU A 363 -8.38 16.10 -5.88
C LEU A 363 -9.25 15.96 -7.12
N SER A 364 -8.65 16.02 -8.31
CA SER A 364 -9.39 16.00 -9.59
C SER A 364 -10.45 17.10 -9.61
N ALA A 365 -10.10 18.26 -9.11
CA ALA A 365 -11.00 19.40 -9.02
C ALA A 365 -10.21 20.66 -9.37
N LEU A 366 -10.83 21.83 -9.15
CA LEU A 366 -10.21 23.10 -9.50
C LEU A 366 -10.36 24.08 -8.35
N GLU A 367 -9.60 25.17 -8.43
CA GLU A 367 -9.67 26.24 -7.45
C GLU A 367 -10.59 27.35 -7.96
N CYS A 368 -10.84 28.32 -7.09
CA CYS A 368 -11.73 29.43 -7.40
C CYS A 368 -11.10 30.72 -6.88
N LEU A 369 -11.63 31.85 -7.34
CA LEU A 369 -11.08 33.15 -6.97
C LEU A 369 -11.54 33.63 -5.60
N ARG A 370 -12.58 33.02 -5.02
CA ARG A 370 -13.20 33.47 -3.77
C ARG A 370 -13.69 34.91 -3.94
N LEU A 371 -14.72 35.04 -4.77
CA LEU A 371 -15.40 36.30 -4.98
C LEU A 371 -16.74 36.30 -4.26
N ARG A 372 -17.21 37.49 -3.90
CA ARG A 372 -18.52 37.63 -3.29
C ARG A 372 -19.59 37.14 -4.26
N LYS A 373 -20.64 36.51 -3.71
CA LYS A 373 -21.67 35.91 -4.55
C LYS A 373 -22.36 36.95 -5.41
N SER A 374 -22.60 38.15 -4.87
CA SER A 374 -23.16 39.22 -5.68
C SER A 374 -22.21 39.63 -6.80
N GLN A 375 -20.92 39.79 -6.48
CA GLN A 375 -19.96 40.18 -7.50
C GLN A 375 -19.79 39.08 -8.54
N ARG A 376 -19.74 37.82 -8.12
CA ARG A 376 -19.60 36.73 -9.09
C ARG A 376 -20.84 36.61 -9.97
N GLN A 377 -22.02 36.83 -9.39
CA GLN A 377 -23.25 36.80 -10.19
C GLN A 377 -23.26 37.94 -11.20
N ALA A 378 -22.79 39.12 -10.79
CA ALA A 378 -22.68 40.24 -11.74
C ALA A 378 -21.67 39.94 -12.84
N ILE A 379 -20.56 39.29 -12.49
CA ILE A 379 -19.56 38.89 -13.48
C ILE A 379 -20.17 37.93 -14.49
N THR A 380 -20.89 36.92 -13.99
CA THR A 380 -21.52 35.96 -14.90
C THR A 380 -22.58 36.62 -15.77
N ASN A 381 -23.35 37.54 -15.20
CA ASN A 381 -24.38 38.24 -15.97
C ASN A 381 -23.75 39.07 -17.09
N ILE A 382 -22.69 39.82 -16.79
CA ILE A 382 -22.02 40.60 -17.82
C ILE A 382 -21.38 39.69 -18.85
N PHE A 383 -20.79 38.58 -18.40
CA PHE A 383 -20.09 37.67 -19.29
C PHE A 383 -21.07 36.89 -20.16
N LEU A 384 -22.35 36.89 -19.79
CA LEU A 384 -23.38 36.26 -20.60
C LEU A 384 -24.17 37.26 -21.45
N LYS A 385 -24.21 38.54 -21.06
CA LYS A 385 -24.90 39.54 -21.88
C LYS A 385 -24.25 39.74 -23.23
N SER A 386 -23.01 39.29 -23.40
CA SER A 386 -22.31 39.33 -24.68
C SER A 386 -22.17 37.93 -25.26
N ARG A 387 -23.21 37.12 -25.14
CA ARG A 387 -23.13 35.70 -25.51
C ARG A 387 -22.77 35.53 -26.97
N CYS A 388 -23.13 36.49 -27.82
CA CYS A 388 -22.85 36.54 -29.26
C CYS A 388 -23.55 35.44 -30.04
N GLU A 389 -24.43 34.65 -29.41
CA GLU A 389 -25.15 33.55 -30.04
C GLU A 389 -24.22 32.58 -30.76
N GLU A 390 -22.96 32.53 -30.32
CA GLU A 390 -21.97 31.71 -31.01
C GLU A 390 -21.08 30.93 -30.04
N LEU A 391 -21.04 31.29 -28.76
CA LEU A 391 -20.07 30.75 -27.82
C LEU A 391 -20.59 29.42 -27.27
N LEU A 392 -19.71 28.42 -27.24
CA LEU A 392 -20.09 27.10 -26.73
C LEU A 392 -19.83 26.98 -25.24
N TYR A 393 -18.59 27.21 -24.80
CA TYR A 393 -18.24 27.18 -23.39
C TYR A 393 -17.51 28.47 -23.03
N GLY A 394 -18.16 29.33 -22.25
CA GLY A 394 -17.48 30.49 -21.71
C GLY A 394 -16.85 30.21 -20.37
N LEU A 395 -15.75 30.91 -20.09
CA LEU A 395 -14.93 30.57 -18.94
C LEU A 395 -13.92 31.69 -18.71
N LEU A 396 -13.73 32.08 -17.45
CA LEU A 396 -12.80 33.17 -17.14
C LEU A 396 -11.98 32.78 -15.91
N VAL A 397 -10.68 33.02 -15.98
CA VAL A 397 -9.73 32.60 -14.95
C VAL A 397 -8.86 33.78 -14.54
N ALA A 398 -8.53 33.86 -13.26
CA ALA A 398 -7.60 34.85 -12.74
C ALA A 398 -6.47 34.12 -12.01
N GLY A 399 -5.34 33.95 -12.69
CA GLY A 399 -4.18 33.31 -12.07
C GLY A 399 -4.38 31.87 -11.70
N GLY A 400 -4.98 31.08 -12.59
CA GLY A 400 -5.22 29.67 -12.33
C GLY A 400 -6.44 29.38 -11.50
N LYS A 401 -7.18 30.40 -11.08
CA LYS A 401 -8.38 30.22 -10.26
C LYS A 401 -9.60 30.59 -11.10
N LEU A 402 -10.54 29.67 -11.23
CA LEU A 402 -11.70 29.90 -12.08
C LEU A 402 -12.58 30.98 -11.47
N VAL A 403 -13.08 31.87 -12.33
CA VAL A 403 -13.86 33.01 -11.86
C VAL A 403 -15.34 32.82 -12.20
N SER A 404 -15.64 32.71 -13.49
CA SER A 404 -17.03 32.61 -13.93
C SER A 404 -17.11 31.69 -15.14
N VAL A 405 -18.26 31.04 -15.26
CA VAL A 405 -18.55 30.11 -16.35
C VAL A 405 -19.96 30.38 -16.85
N ILE A 406 -20.12 30.51 -18.16
CA ILE A 406 -21.43 30.50 -18.79
C ILE A 406 -21.56 29.23 -19.61
N ARG A 407 -22.77 28.68 -19.64
CA ARG A 407 -23.02 27.34 -20.14
C ARG A 407 -24.29 27.36 -20.98
N PRO A 408 -24.36 26.52 -22.02
CA PRO A 408 -25.61 26.37 -22.77
C PRO A 408 -26.66 25.63 -21.94
N ARG A 409 -27.88 25.57 -22.48
CA ARG A 409 -28.97 24.94 -21.77
C ARG A 409 -28.76 23.43 -21.66
N LYS A 410 -28.45 22.78 -22.79
CA LYS A 410 -28.33 21.32 -22.80
C LYS A 410 -26.91 20.86 -22.46
N HIS A 411 -25.91 21.42 -23.13
CA HIS A 411 -24.53 21.02 -22.91
C HIS A 411 -24.09 21.39 -21.49
N SER A 412 -23.32 20.51 -20.87
CA SER A 412 -22.83 20.71 -19.52
C SER A 412 -21.31 20.69 -19.53
N LEU A 413 -20.71 21.64 -18.82
CA LEU A 413 -19.26 21.75 -18.75
C LEU A 413 -18.75 20.73 -17.74
N HIS A 414 -18.25 19.60 -18.23
N HIS A 414 -18.26 19.60 -18.23
CA HIS A 414 -17.80 18.52 -17.38
CA HIS A 414 -17.82 18.53 -17.36
C HIS A 414 -16.54 18.93 -16.61
C HIS A 414 -16.55 18.93 -16.61
N PRO A 415 -16.38 18.46 -15.37
CA PRO A 415 -15.15 18.75 -14.62
C PRO A 415 -13.89 18.22 -15.28
N SER A 416 -13.98 17.11 -16.02
CA SER A 416 -12.82 16.61 -16.75
C SER A 416 -12.35 17.60 -17.81
N ASP A 417 -13.29 18.23 -18.53
CA ASP A 417 -12.94 19.28 -19.48
C ASP A 417 -12.29 20.47 -18.78
N LEU A 418 -12.81 20.85 -17.61
CA LEU A 418 -12.21 21.93 -16.84
C LEU A 418 -10.77 21.60 -16.46
N GLN A 419 -10.53 20.39 -15.95
CA GLN A 419 -9.17 20.01 -15.59
C GLN A 419 -8.27 19.94 -16.81
N LEU A 420 -8.78 19.47 -17.94
CA LEU A 420 -7.99 19.45 -19.17
C LEU A 420 -7.57 20.85 -19.58
N ILE A 421 -8.52 21.79 -19.56
CA ILE A 421 -8.22 23.17 -19.94
C ILE A 421 -7.21 23.79 -18.98
N PHE A 422 -7.44 23.63 -17.68
CA PHE A 422 -6.58 24.25 -16.68
C PHE A 422 -5.17 23.66 -16.72
N ASN A 423 -5.06 22.34 -16.88
CA ASN A 423 -3.75 21.73 -16.98
C ASN A 423 -3.05 22.08 -18.29
N MET A 424 -3.81 22.35 -19.35
CA MET A 424 -3.20 22.87 -20.56
C MET A 424 -2.62 24.26 -20.35
N LEU A 425 -3.38 25.15 -19.71
CA LEU A 425 -3.03 26.56 -19.68
C LEU A 425 -2.26 26.96 -18.42
N PHE A 426 -2.83 26.71 -17.25
CA PHE A 426 -2.33 27.35 -16.04
C PHE A 426 -1.41 26.47 -15.21
N GLU A 427 -1.80 25.22 -14.97
CA GLU A 427 -0.93 24.32 -14.22
C GLU A 427 0.36 24.04 -14.95
N SER A 428 0.29 23.86 -16.27
CA SER A 428 1.49 23.74 -17.08
C SER A 428 2.16 25.08 -17.32
N GLY A 429 1.43 26.18 -17.18
CA GLY A 429 2.00 27.48 -17.48
C GLY A 429 2.31 27.71 -18.94
N GLY A 430 1.77 26.89 -19.84
CA GLY A 430 1.97 27.09 -21.26
C GLY A 430 1.22 28.27 -21.83
N ILE A 431 0.30 28.84 -21.05
CA ILE A 431 -0.38 30.06 -21.46
C ILE A 431 0.62 31.22 -21.49
N LYS A 432 1.67 31.15 -20.68
CA LYS A 432 2.71 32.17 -20.67
C LYS A 432 3.50 32.16 -21.96
N GLY A 433 3.96 33.33 -22.37
CA GLY A 433 4.72 33.50 -23.59
C GLY A 433 3.85 33.84 -24.79
N ASN A 434 2.68 33.22 -24.88
CA ASN A 434 1.70 33.57 -25.90
C ASN A 434 0.75 34.64 -25.37
N GLY A 435 1.34 35.77 -24.97
CA GLY A 435 0.60 36.85 -24.38
C GLY A 435 -0.20 37.66 -25.38
N GLY A 436 -1.23 37.04 -25.96
CA GLY A 436 -2.00 37.71 -26.98
C GLY A 436 -3.15 36.83 -27.43
N GLU A 437 -3.61 37.11 -28.64
CA GLU A 437 -4.76 36.39 -29.21
C GLU A 437 -4.32 34.97 -29.55
N ASN A 438 -4.94 33.98 -28.90
CA ASN A 438 -4.56 32.59 -29.07
C ASN A 438 -5.78 31.78 -29.51
N TRP A 439 -5.76 31.33 -30.75
CA TRP A 439 -6.80 30.44 -31.29
C TRP A 439 -6.31 29.01 -31.26
N ILE A 440 -6.27 28.46 -30.05
CA ILE A 440 -5.65 27.16 -29.79
C ILE A 440 -6.62 26.03 -30.13
N PRO A 441 -6.24 25.08 -30.98
CA PRO A 441 -7.12 23.92 -31.21
C PRO A 441 -7.21 23.05 -29.96
N LEU A 442 -8.28 22.26 -29.90
CA LEU A 442 -8.69 21.57 -28.70
C LEU A 442 -9.51 20.35 -29.08
N CYS A 443 -9.68 19.42 -28.13
CA CYS A 443 -10.48 18.23 -28.37
C CYS A 443 -11.65 18.10 -27.40
N LEU A 444 -11.40 18.26 -26.09
CA LEU A 444 -12.38 18.04 -25.04
C LEU A 444 -13.01 16.66 -25.17
N PRO A 445 -12.28 15.59 -24.86
CA PRO A 445 -12.84 14.24 -25.07
C PRO A 445 -14.11 13.96 -24.28
N ALA A 446 -14.28 14.59 -23.12
CA ALA A 446 -15.51 14.42 -22.36
C ALA A 446 -16.71 14.96 -23.12
N PHE A 447 -16.57 16.14 -23.73
CA PHE A 447 -17.64 16.67 -24.57
C PHE A 447 -17.81 15.81 -25.83
N ASN A 448 -16.70 15.55 -26.53
CA ASN A 448 -16.66 14.56 -27.61
C ASN A 448 -15.21 14.21 -27.93
N ASN A 449 -14.92 12.92 -28.08
CA ASN A 449 -13.56 12.47 -28.31
C ASN A 449 -13.15 12.59 -29.78
N THR A 450 -14.07 12.98 -30.65
CA THR A 450 -13.76 13.23 -32.05
C THR A 450 -13.98 14.67 -32.48
N GLY A 451 -14.65 15.48 -31.67
CA GLY A 451 -14.88 16.88 -31.98
C GLY A 451 -13.62 17.69 -31.75
N TYR A 452 -13.21 18.42 -32.79
CA TYR A 452 -11.96 19.15 -32.78
C TYR A 452 -12.28 20.61 -32.48
N LEU A 453 -12.59 20.90 -31.22
CA LEU A 453 -13.08 22.21 -30.82
C LEU A 453 -11.94 23.24 -30.85
N TYR A 454 -12.27 24.48 -30.55
CA TYR A 454 -11.35 25.61 -30.66
C TYR A 454 -11.46 26.48 -29.42
N MET A 455 -10.33 26.99 -28.94
CA MET A 455 -10.24 27.76 -27.71
C MET A 455 -9.70 29.15 -28.00
N TYR A 456 -10.33 30.17 -27.42
CA TYR A 456 -9.86 31.54 -27.52
C TYR A 456 -9.26 31.95 -26.18
N VAL A 457 -7.96 32.25 -26.19
CA VAL A 457 -7.23 32.64 -24.98
C VAL A 457 -6.63 34.01 -25.20
N SER A 458 -6.88 34.93 -24.27
CA SER A 458 -6.30 36.27 -24.36
C SER A 458 -6.15 36.85 -22.95
N PHE A 459 -5.02 37.49 -22.71
CA PHE A 459 -4.75 38.07 -21.40
C PHE A 459 -5.60 39.30 -21.16
N LEU A 460 -6.03 39.49 -19.91
CA LEU A 460 -6.82 40.65 -19.51
C LEU A 460 -5.92 41.77 -18.98
N ASP A 461 -4.94 42.15 -19.80
CA ASP A 461 -3.97 43.17 -19.42
C ASP A 461 -4.36 44.56 -19.91
N ASP A 462 -5.65 44.76 -20.23
CA ASP A 462 -6.12 46.04 -20.72
C ASP A 462 -6.37 47.02 -19.58
N ASP A 491 -3.01 36.22 -10.87
CA ASP A 491 -2.51 37.59 -11.03
C ASP A 491 -2.83 38.15 -12.42
N LEU A 492 -2.54 37.39 -13.46
CA LEU A 492 -2.85 37.79 -14.84
C LEU A 492 -4.14 37.10 -15.24
N THR A 493 -5.22 37.87 -15.33
CA THR A 493 -6.52 37.32 -15.67
C THR A 493 -6.55 36.87 -17.12
N ALA A 494 -7.10 35.68 -17.35
CA ALA A 494 -7.18 35.09 -18.68
C ALA A 494 -8.63 34.74 -19.01
N LEU A 495 -9.00 34.91 -20.26
CA LEU A 495 -10.35 34.63 -20.74
C LEU A 495 -10.28 33.45 -21.71
N ILE A 496 -11.06 32.41 -21.43
CA ILE A 496 -11.05 31.19 -22.21
C ILE A 496 -12.44 30.98 -22.80
N LEU A 497 -12.53 30.93 -24.13
CA LEU A 497 -13.79 30.79 -24.82
C LEU A 497 -13.68 29.64 -25.82
N ILE A 498 -14.66 28.75 -25.80
CA ILE A 498 -14.64 27.54 -26.60
C ILE A 498 -15.67 27.69 -27.71
N SER A 499 -15.25 27.46 -28.95
CA SER A 499 -16.13 27.55 -30.10
C SER A 499 -15.92 26.35 -31.01
N PRO A 500 -16.98 25.85 -31.64
CA PRO A 500 -16.83 24.71 -32.56
C PRO A 500 -16.50 25.09 -33.98
N SER A 501 -16.39 26.37 -34.31
CA SER A 501 -16.16 26.83 -35.68
C SER A 501 -14.84 27.58 -35.75
N ARG A 502 -14.06 27.30 -36.80
CA ARG A 502 -12.75 27.94 -36.96
C ARG A 502 -12.86 29.35 -37.53
N GLU A 503 -13.98 29.69 -38.17
CA GLU A 503 -14.20 31.03 -38.70
C GLU A 503 -14.70 31.99 -37.64
N ALA A 504 -14.82 31.53 -36.39
CA ALA A 504 -15.44 32.30 -35.32
C ALA A 504 -14.44 33.09 -34.48
N PHE A 505 -13.14 32.93 -34.72
CA PHE A 505 -12.14 33.63 -33.93
C PHE A 505 -12.38 35.13 -33.93
N TYR A 506 -12.52 35.73 -35.11
CA TYR A 506 -12.84 37.15 -35.21
C TYR A 506 -14.12 37.46 -34.43
N ALA A 507 -15.14 36.61 -34.56
CA ALA A 507 -16.35 36.80 -33.78
C ALA A 507 -16.05 36.75 -32.29
N LEU A 508 -15.25 35.77 -31.85
CA LEU A 508 -14.84 35.74 -30.46
C LEU A 508 -13.96 36.91 -30.11
N GLN A 509 -13.22 37.45 -31.09
CA GLN A 509 -12.54 38.72 -30.87
C GLN A 509 -13.54 39.81 -30.49
N SER A 510 -14.64 39.91 -31.26
CA SER A 510 -15.70 40.84 -30.92
C SER A 510 -16.33 40.50 -29.58
N MET A 511 -16.19 39.26 -29.12
CA MET A 511 -16.49 38.91 -27.74
C MET A 511 -15.66 39.75 -26.79
N ARG A 512 -14.33 39.57 -26.85
CA ARG A 512 -13.44 40.00 -25.78
C ARG A 512 -13.55 41.49 -25.49
N THR A 513 -13.44 42.31 -26.53
CA THR A 513 -13.58 43.74 -26.36
C THR A 513 -14.93 44.08 -25.73
N ARG A 514 -16.02 43.51 -26.28
CA ARG A 514 -17.34 43.78 -25.73
C ARG A 514 -17.43 43.31 -24.28
N LEU A 515 -16.65 42.27 -23.93
CA LEU A 515 -16.52 41.93 -22.53
C LEU A 515 -15.67 42.95 -21.79
N VAL A 516 -14.45 43.20 -22.30
CA VAL A 516 -13.44 43.92 -21.52
C VAL A 516 -13.95 45.31 -21.18
N SER A 517 -14.40 46.05 -22.19
CA SER A 517 -14.93 47.39 -21.97
C SER A 517 -16.05 47.37 -20.93
N GLN A 518 -16.97 46.40 -21.05
CA GLN A 518 -18.03 46.29 -20.06
C GLN A 518 -17.47 46.11 -18.66
N LEU A 519 -16.50 45.19 -18.52
CA LEU A 519 -15.85 45.05 -17.23
C LEU A 519 -15.15 46.35 -16.85
N LEU A 520 -14.46 46.96 -17.81
CA LEU A 520 -13.78 48.22 -17.54
C LEU A 520 -14.79 49.33 -17.30
N SER A 521 -16.02 49.17 -17.79
CA SER A 521 -17.05 50.15 -17.47
C SER A 521 -17.51 49.99 -16.03
N THR A 522 -17.54 48.75 -15.54
CA THR A 522 -18.04 48.50 -14.19
C THR A 522 -16.94 48.52 -13.14
N GLY A 523 -15.68 48.60 -13.54
CA GLY A 523 -14.59 48.47 -12.61
C GLY A 523 -14.39 47.08 -12.06
N TYR A 524 -15.13 46.10 -12.57
CA TYR A 524 -15.03 44.73 -12.06
C TYR A 524 -13.68 44.12 -12.35
N LEU A 525 -13.13 44.33 -13.55
CA LEU A 525 -11.85 43.72 -13.91
C LEU A 525 -10.76 44.12 -12.92
N SER A 526 -10.83 45.35 -12.38
CA SER A 526 -9.95 45.72 -11.27
C SER A 526 -10.20 44.87 -10.04
N LEU A 527 -11.47 44.53 -9.75
CA LEU A 527 -11.76 43.67 -8.61
C LEU A 527 -11.18 42.28 -8.80
N ILE A 528 -11.32 41.71 -10.00
CA ILE A 528 -10.71 40.41 -10.28
C ILE A 528 -9.20 40.49 -10.16
N ARG A 529 -8.59 41.55 -10.69
CA ARG A 529 -7.14 41.69 -10.61
C ARG A 529 -6.67 41.80 -9.16
N SER A 530 -7.40 42.55 -8.33
CA SER A 530 -7.01 42.70 -6.94
C SER A 530 -7.22 41.41 -6.15
N THR A 531 -8.30 40.68 -6.46
CA THR A 531 -8.57 39.43 -5.77
C THR A 531 -7.54 38.36 -6.14
N ALA A 532 -7.09 38.35 -7.39
CA ALA A 532 -6.06 37.42 -7.80
C ALA A 532 -4.68 37.85 -7.30
N LEU A 533 -4.45 39.16 -7.18
CA LEU A 533 -3.15 39.66 -6.74
C LEU A 533 -2.85 39.23 -5.31
N SER A 534 -3.79 39.47 -4.41
CA SER A 534 -3.71 38.88 -3.08
C SER A 534 -3.87 37.37 -3.20
N GLY A 535 -3.01 36.61 -2.55
CA GLY A 535 -3.01 35.17 -2.70
C GLY A 535 -4.16 34.48 -1.99
N ARG A 536 -3.94 33.23 -1.59
CA ARG A 536 -4.94 32.49 -0.84
C ARG A 536 -5.11 33.18 0.51
N PRO A 537 -6.31 33.15 1.09
CA PRO A 537 -6.51 33.83 2.38
C PRO A 537 -5.64 33.21 3.48
N SER A 538 -5.16 34.07 4.37
CA SER A 538 -4.30 33.60 5.46
C SER A 538 -5.07 32.71 6.42
N ILE A 539 -4.42 31.65 6.90
CA ILE A 539 -5.09 30.68 7.76
C ILE A 539 -5.54 31.33 9.06
N THR A 540 -4.75 32.28 9.57
CA THR A 540 -5.18 33.03 10.75
C THR A 540 -6.37 33.92 10.43
N SER A 541 -6.39 34.51 9.23
CA SER A 541 -7.52 35.36 8.84
C SER A 541 -8.77 34.53 8.58
N ILE A 542 -8.61 33.34 8.02
CA ILE A 542 -9.76 32.46 7.80
C ILE A 542 -10.38 32.04 9.13
N LEU A 543 -9.56 31.55 10.04
CA LEU A 543 -10.01 31.14 11.37
C LEU A 543 -9.14 31.85 12.40
N PRO A 544 -9.68 32.80 13.15
CA PRO A 544 -8.88 33.50 14.15
C PRO A 544 -8.47 32.54 15.28
N LYS A 545 -7.30 32.82 15.85
CA LYS A 545 -6.70 32.07 16.97
C LYS A 545 -6.76 30.56 16.75
N THR A 546 -6.28 30.14 15.59
CA THR A 546 -6.28 28.73 15.27
C THR A 546 -4.85 28.18 15.30
N PRO A 547 -4.66 26.92 15.72
CA PRO A 547 -3.34 26.30 15.63
C PRO A 547 -3.01 25.72 14.28
N LEU A 548 -3.98 25.64 13.37
CA LEU A 548 -3.72 25.09 12.05
C LEU A 548 -2.76 25.96 11.26
N LEU A 549 -1.80 25.34 10.60
CA LEU A 549 -0.88 26.05 9.72
C LEU A 549 -1.39 26.10 8.28
N HIS A 550 -2.15 25.09 7.87
CA HIS A 550 -2.63 25.00 6.50
C HIS A 550 -3.84 24.07 6.47
N PHE A 551 -4.61 24.17 5.39
CA PHE A 551 -5.73 23.26 5.17
C PHE A 551 -6.01 23.20 3.69
N LEU A 552 -6.82 22.21 3.30
CA LEU A 552 -7.18 21.99 1.90
C LEU A 552 -8.60 21.44 1.87
N TYR A 553 -9.58 22.31 1.62
CA TYR A 553 -10.98 21.91 1.54
C TYR A 553 -11.36 21.60 0.10
N LYS A 554 -12.31 20.68 -0.07
CA LYS A 554 -12.77 20.30 -1.39
C LYS A 554 -14.23 19.89 -1.34
N SER A 555 -15.05 20.53 -2.17
CA SER A 555 -16.46 20.19 -2.33
C SER A 555 -16.62 19.20 -3.47
N ARG A 556 -17.06 17.99 -3.14
CA ARG A 556 -17.40 16.99 -4.15
C ARG A 556 -18.59 17.40 -5.02
N PRO A 557 -19.75 17.82 -4.48
CA PRO A 557 -20.85 18.18 -5.39
C PRO A 557 -20.54 19.37 -6.27
N ASN A 558 -19.75 20.32 -5.78
CA ASN A 558 -19.27 21.42 -6.59
C ASN A 558 -17.98 21.09 -7.32
N VAL A 559 -17.39 19.93 -7.01
CA VAL A 559 -16.14 19.40 -7.57
C VAL A 559 -15.08 20.50 -7.68
N GLN A 560 -14.95 21.31 -6.62
CA GLN A 560 -14.00 22.40 -6.61
C GLN A 560 -13.37 22.51 -5.23
N TRP A 561 -12.13 23.01 -5.18
CA TRP A 561 -11.38 23.02 -3.94
C TRP A 561 -10.80 24.40 -3.64
N CYS A 562 -10.28 24.54 -2.42
CA CYS A 562 -9.64 25.75 -1.95
C CYS A 562 -8.65 25.41 -0.84
N MET A 563 -7.80 26.37 -0.49
CA MET A 563 -6.84 26.20 0.59
C MET A 563 -6.44 27.56 1.16
N SER A 564 -5.75 27.51 2.30
CA SER A 564 -5.14 28.69 2.89
C SER A 564 -3.83 29.02 2.19
N SER A 565 -3.26 30.17 2.55
CA SER A 565 -2.00 30.60 1.95
C SER A 565 -0.85 29.73 2.46
N LEU A 566 0.19 29.64 1.64
CA LEU A 566 1.41 28.94 2.02
C LEU A 566 2.48 29.86 2.58
N SER A 567 2.17 31.16 2.74
CA SER A 567 3.13 32.08 3.34
C SER A 567 3.38 31.75 4.80
N SER A 568 2.36 31.23 5.50
CA SER A 568 2.53 30.85 6.90
C SER A 568 3.43 29.64 7.07
N LEU A 569 3.58 28.81 6.02
CA LEU A 569 4.41 27.62 6.13
C LEU A 569 5.88 27.97 6.27
N THR A 570 6.32 29.03 5.59
CA THR A 570 7.73 29.40 5.53
C THR A 570 7.98 30.69 6.30
N PRO A 571 9.21 30.93 6.75
CA PRO A 571 9.53 32.23 7.34
C PRO A 571 9.34 33.34 6.33
N PRO A 572 9.05 34.55 6.79
CA PRO A 572 8.76 35.65 5.84
C PRO A 572 9.88 35.94 4.86
N GLY A 573 11.13 35.82 5.30
CA GLY A 573 12.24 35.91 4.37
C GLY A 573 12.56 34.55 3.78
N ALA A 574 12.05 34.26 2.59
CA ALA A 574 12.19 32.95 2.00
C ALA A 574 12.50 33.08 0.52
N THR A 575 13.40 32.24 0.03
CA THR A 575 13.75 32.20 -1.37
C THR A 575 12.81 31.25 -2.10
N ALA A 576 13.06 31.04 -3.40
CA ALA A 576 12.25 30.10 -4.16
C ALA A 576 12.46 28.66 -3.69
N THR A 577 13.68 28.31 -3.30
CA THR A 577 13.97 26.94 -2.87
C THR A 577 13.22 26.59 -1.60
N GLU A 578 13.18 27.50 -0.62
CA GLU A 578 12.53 27.20 0.65
C GLU A 578 11.02 27.03 0.47
N THR A 579 10.38 27.97 -0.24
CA THR A 579 8.95 27.86 -0.51
C THR A 579 8.63 26.63 -1.34
N LEU A 580 9.49 26.32 -2.32
CA LEU A 580 9.29 25.13 -3.14
C LEU A 580 9.35 23.86 -2.31
N LEU A 581 10.35 23.76 -1.42
CA LEU A 581 10.47 22.58 -0.55
C LEU A 581 9.28 22.49 0.40
N ALA A 582 8.85 23.62 0.97
CA ALA A 582 7.71 23.60 1.87
C ALA A 582 6.44 23.17 1.17
N ARG A 583 6.22 23.67 -0.06
CA ARG A 583 5.04 23.28 -0.84
C ARG A 583 5.08 21.79 -1.17
N ARG A 584 6.24 21.29 -1.59
CA ARG A 584 6.37 19.87 -1.91
C ARG A 584 6.12 19.00 -0.67
N LYS A 585 6.65 19.43 0.48
CA LYS A 585 6.51 18.65 1.70
C LYS A 585 5.06 18.62 2.17
N LEU A 586 4.40 19.77 2.18
CA LEU A 586 2.99 19.82 2.52
C LEU A 586 2.16 18.98 1.55
N MET A 587 2.51 19.03 0.28
CA MET A 587 1.75 18.29 -0.72
C MET A 587 1.97 16.79 -0.57
N SER A 588 3.17 16.39 -0.14
CA SER A 588 3.42 14.98 0.14
C SER A 588 2.65 14.50 1.36
N VAL A 589 2.51 15.36 2.38
CA VAL A 589 1.65 15.03 3.52
C VAL A 589 0.22 14.84 3.05
N TYR A 590 -0.28 15.76 2.23
CA TYR A 590 -1.63 15.62 1.69
C TYR A 590 -1.75 14.38 0.80
N GLU A 591 -0.67 14.03 0.08
CA GLU A 591 -0.70 12.85 -0.78
C GLU A 591 -0.79 11.56 0.01
N GLU A 592 0.00 11.44 1.08
CA GLU A 592 -0.11 10.24 1.91
C GLU A 592 -1.46 10.16 2.61
N LEU A 593 -2.01 11.31 3.03
CA LEU A 593 -3.35 11.30 3.60
C LEU A 593 -4.40 10.89 2.56
N HIS A 594 -4.26 11.38 1.32
CA HIS A 594 -5.22 11.01 0.28
C HIS A 594 -5.12 9.53 -0.06
N ALA A 595 -3.90 8.99 -0.04
CA ALA A 595 -3.72 7.55 -0.19
C ALA A 595 -4.40 6.79 0.93
N ALA A 596 -4.31 7.32 2.15
CA ALA A 596 -4.99 6.69 3.28
C ALA A 596 -6.50 6.68 3.11
N LEU A 597 -7.08 7.85 2.79
CA LEU A 597 -8.53 7.94 2.65
C LEU A 597 -9.02 7.16 1.44
N HIS A 598 -8.41 7.40 0.28
CA HIS A 598 -8.87 6.80 -0.97
C HIS A 598 -8.15 5.48 -1.24
N ALA A 599 -8.32 4.55 -0.30
CA ALA A 599 -7.80 3.20 -0.43
C ALA A 599 -8.96 2.26 -0.73
N ARG A 600 -8.88 1.57 -1.87
CA ARG A 600 -9.92 0.63 -2.24
C ARG A 600 -9.92 -0.56 -1.27
N HIS A 601 -11.12 -1.10 -1.03
CA HIS A 601 -11.37 -2.12 -0.01
C HIS A 601 -11.02 -1.59 1.38
N ALA A 602 -11.24 -0.29 1.61
CA ALA A 602 -10.90 0.35 2.88
C ALA A 602 -11.77 1.59 3.01
N HIS A 603 -12.85 1.49 3.78
CA HIS A 603 -13.80 2.59 3.95
C HIS A 603 -13.41 3.43 5.17
N LEU A 604 -12.40 4.28 4.96
CA LEU A 604 -11.89 5.16 6.00
C LEU A 604 -12.53 6.54 5.85
N ARG A 605 -13.11 7.04 6.94
CA ARG A 605 -13.79 8.34 6.90
C ARG A 605 -12.85 9.45 7.33
N VAL A 606 -12.17 9.27 8.46
CA VAL A 606 -11.23 10.25 9.00
C VAL A 606 -9.90 9.56 9.27
N VAL A 607 -8.81 10.17 8.81
CA VAL A 607 -7.47 9.64 9.03
C VAL A 607 -6.63 10.72 9.70
N TYR A 608 -5.95 10.36 10.78
CA TYR A 608 -5.08 11.29 11.50
C TYR A 608 -3.68 10.69 11.57
N SER A 609 -2.67 11.55 11.49
CA SER A 609 -1.30 11.09 11.51
C SER A 609 -0.43 12.14 12.20
N THR A 610 0.69 11.66 12.75
CA THR A 610 1.61 12.54 13.48
C THR A 610 3.03 12.11 13.13
N ALA A 611 3.75 12.97 12.41
CA ALA A 611 5.16 12.76 12.15
C ALA A 611 5.99 13.38 13.25
N ASP A 612 7.03 12.66 13.68
CA ASP A 612 7.79 13.06 14.86
C ASP A 612 8.66 14.29 14.56
N GLU A 613 9.37 14.28 13.43
CA GLU A 613 10.31 15.34 13.05
C GLU A 613 11.32 15.61 14.17
N LYS A 614 12.14 14.59 14.44
CA LYS A 614 13.14 14.67 15.49
C LYS A 614 14.18 15.76 15.21
N GLU A 617 10.36 19.37 16.60
CA GLU A 617 9.02 19.50 17.14
C GLU A 617 8.13 18.33 16.72
N GLY A 618 7.39 18.54 15.63
CA GLY A 618 6.50 17.53 15.12
C GLY A 618 5.50 18.13 14.17
N LEU A 619 4.68 17.25 13.58
CA LEU A 619 3.63 17.67 12.68
C LEU A 619 2.45 16.73 12.82
N ALA A 620 1.24 17.27 12.69
CA ALA A 620 0.02 16.49 12.77
C ALA A 620 -0.85 16.84 11.57
N CYS A 621 -1.62 15.87 11.10
CA CYS A 621 -2.42 16.06 9.90
C CYS A 621 -3.68 15.21 9.96
N LEU A 622 -4.77 15.76 9.47
CA LEU A 622 -6.06 15.07 9.45
C LEU A 622 -6.69 15.20 8.07
N GLY A 623 -7.35 14.12 7.65
CA GLY A 623 -8.10 14.09 6.41
C GLY A 623 -9.48 13.50 6.62
N TRP A 624 -10.50 14.28 6.30
CA TRP A 624 -11.89 13.92 6.45
C TRP A 624 -12.50 13.76 5.06
N SER A 625 -13.22 12.65 4.85
CA SER A 625 -13.69 12.25 3.53
C SER A 625 -15.18 11.88 3.56
N THR A 626 -16.00 12.76 4.15
CA THR A 626 -17.43 12.56 4.14
C THR A 626 -17.94 12.65 2.69
N PRO A 627 -19.11 12.09 2.39
CA PRO A 627 -19.63 12.19 1.02
C PRO A 627 -19.96 13.61 0.59
N ALA A 628 -20.00 14.57 1.51
CA ALA A 628 -20.35 15.95 1.16
C ALA A 628 -19.15 16.81 0.81
N PHE A 629 -17.96 16.51 1.34
CA PHE A 629 -16.80 17.35 1.08
C PHE A 629 -15.54 16.51 1.31
N GLU A 630 -14.38 17.16 1.36
CA GLU A 630 -13.12 16.46 1.64
C GLU A 630 -12.12 17.49 2.13
N VAL A 631 -11.66 17.32 3.37
CA VAL A 631 -10.83 18.30 4.05
C VAL A 631 -9.49 17.68 4.40
N TYR A 632 -8.41 18.40 4.13
CA TYR A 632 -7.08 18.03 4.61
C TYR A 632 -6.55 19.20 5.42
N CYS A 633 -5.76 18.89 6.45
CA CYS A 633 -5.23 19.98 7.27
C CYS A 633 -3.89 19.57 7.85
N VAL A 634 -3.14 20.60 8.29
CA VAL A 634 -1.82 20.43 8.87
C VAL A 634 -1.70 21.35 10.08
N ALA A 635 -1.17 20.84 11.19
CA ALA A 635 -0.96 21.57 12.42
C ALA A 635 0.39 21.16 12.98
N PRO A 636 0.96 21.96 13.89
CA PRO A 636 2.16 21.50 14.61
C PRO A 636 1.86 20.26 15.43
N GLY A 637 2.93 19.53 15.76
CA GLY A 637 2.76 18.21 16.37
C GLY A 637 2.15 18.24 17.76
N CYS A 638 2.19 19.39 18.43
CA CYS A 638 1.70 19.50 19.79
C CYS A 638 0.26 20.05 19.81
N VAL A 639 -0.64 19.26 19.23
CA VAL A 639 -2.06 19.63 19.22
C VAL A 639 -2.92 18.52 19.83
N GLY A 640 -2.65 17.27 19.47
CA GLY A 640 -3.50 16.16 19.87
C GLY A 640 -4.62 15.94 18.87
N ARG A 641 -5.30 14.79 19.03
CA ARG A 641 -6.34 14.40 18.09
C ARG A 641 -7.53 15.36 18.15
N ALA A 642 -8.12 15.53 19.33
CA ALA A 642 -9.30 16.37 19.45
C ALA A 642 -8.98 17.84 19.25
N GLY A 643 -7.80 18.28 19.71
CA GLY A 643 -7.44 19.68 19.65
C GLY A 643 -7.31 20.23 18.24
N MET A 644 -7.21 19.36 17.24
CA MET A 644 -7.18 19.79 15.85
C MET A 644 -8.32 19.19 15.03
N ALA A 645 -8.97 18.13 15.52
CA ALA A 645 -10.27 17.76 14.96
C ALA A 645 -11.31 18.84 15.18
N ARG A 646 -11.23 19.55 16.31
CA ARG A 646 -12.06 20.74 16.51
C ARG A 646 -11.78 21.78 15.43
N GLU A 647 -10.51 21.96 15.06
CA GLU A 647 -10.17 22.89 14.00
C GLU A 647 -10.69 22.42 12.65
N VAL A 648 -10.69 21.11 12.43
CA VAL A 648 -11.28 20.56 11.21
C VAL A 648 -12.77 20.88 11.15
N ASN A 649 -13.47 20.70 12.27
CA ASN A 649 -14.89 21.06 12.32
C ASN A 649 -15.08 22.56 12.05
N ARG A 650 -14.22 23.39 12.62
CA ARG A 650 -14.33 24.83 12.41
C ARG A 650 -14.11 25.22 10.96
N VAL A 651 -13.11 24.62 10.30
CA VAL A 651 -12.85 24.98 8.91
C VAL A 651 -13.95 24.42 8.00
N VAL A 652 -14.55 23.28 8.37
CA VAL A 652 -15.72 22.81 7.65
C VAL A 652 -16.87 23.80 7.77
N GLN A 653 -17.09 24.32 8.97
CA GLN A 653 -18.14 25.32 9.17
C GLN A 653 -17.86 26.58 8.36
N TRP A 654 -16.59 27.01 8.31
CA TRP A 654 -16.24 28.18 7.52
C TRP A 654 -16.48 27.93 6.03
N ALA A 655 -16.11 26.74 5.54
CA ALA A 655 -16.26 26.44 4.12
C ALA A 655 -17.72 26.36 3.72
N ARG A 656 -18.56 25.71 4.54
CA ARG A 656 -19.98 25.67 4.23
C ARG A 656 -20.66 27.01 4.45
N ARG A 657 -20.09 27.86 5.30
CA ARG A 657 -20.62 29.21 5.45
C ARG A 657 -20.42 30.03 4.19
N GLU A 658 -19.28 29.87 3.53
CA GLU A 658 -18.93 30.60 2.32
C GLU A 658 -18.90 29.68 1.11
N GLU A 659 -19.84 28.73 1.04
CA GLU A 659 -19.92 27.82 -0.10
C GLU A 659 -20.22 28.58 -1.38
N GLU A 660 -21.11 29.57 -1.31
CA GLU A 660 -21.42 30.39 -2.47
C GLU A 660 -20.19 31.21 -2.89
N ARG A 661 -19.45 31.76 -1.93
CA ARG A 661 -18.32 32.61 -2.27
C ARG A 661 -17.14 31.80 -2.81
N LEU A 662 -16.85 30.67 -2.19
CA LEU A 662 -15.65 29.91 -2.52
C LEU A 662 -15.80 29.01 -3.74
N PHE A 663 -17.02 28.77 -4.22
CA PHE A 663 -17.22 27.81 -5.29
C PHE A 663 -18.26 28.32 -6.27
N ILE A 664 -18.15 27.84 -7.51
CA ILE A 664 -19.13 28.14 -8.56
C ILE A 664 -20.02 26.92 -8.66
N LEU A 665 -21.12 26.93 -7.91
CA LEU A 665 -22.02 25.79 -7.86
C LEU A 665 -22.80 25.60 -9.16
N GLY A 666 -23.03 26.67 -9.90
CA GLY A 666 -23.77 26.58 -11.15
C GLY A 666 -22.99 27.05 -12.35
N GLY A 667 -23.48 28.09 -13.02
CA GLY A 667 -22.83 28.61 -14.20
C GLY A 667 -23.67 29.66 -14.90
N GLY A 668 -23.80 29.53 -16.21
CA GLY A 668 -24.60 30.43 -17.01
C GLY A 668 -25.98 29.89 -17.27
N VAL A 669 -26.60 30.39 -18.34
CA VAL A 669 -27.95 30.00 -18.71
C VAL A 669 -27.94 28.65 -19.43
N GLY B 12 -21.75 -17.39 -9.83
CA GLY B 12 -20.75 -18.43 -10.02
C GLY B 12 -19.35 -17.89 -10.17
N ILE B 13 -18.89 -17.16 -9.15
CA ILE B 13 -17.57 -16.55 -9.18
C ILE B 13 -16.51 -17.62 -8.92
N ILE B 14 -15.30 -17.36 -9.37
CA ILE B 14 -14.16 -18.26 -9.18
C ILE B 14 -13.33 -17.74 -8.01
N PRO B 15 -13.00 -18.59 -7.04
CA PRO B 15 -12.16 -18.13 -5.92
C PRO B 15 -10.78 -17.74 -6.38
N ALA B 16 -10.15 -16.85 -5.62
CA ALA B 16 -8.87 -16.26 -6.00
C ALA B 16 -7.70 -17.17 -5.64
N GLN B 17 -7.69 -18.35 -6.24
CA GLN B 17 -6.60 -19.30 -6.04
C GLN B 17 -5.30 -18.74 -6.60
N LEU B 18 -4.18 -19.17 -6.01
CA LEU B 18 -2.88 -18.70 -6.47
C LEU B 18 -2.55 -19.31 -7.83
N GLY B 19 -1.95 -18.51 -8.69
CA GLY B 19 -1.59 -18.96 -10.03
C GLY B 19 -0.42 -19.91 -10.03
N PHE B 20 0.75 -19.41 -9.65
CA PHE B 20 1.92 -20.27 -9.51
C PHE B 20 2.80 -19.75 -8.39
N LEU B 21 3.64 -20.63 -7.88
CA LEU B 21 4.65 -20.30 -6.87
C LEU B 21 5.95 -20.95 -7.29
N ALA B 22 7.03 -20.16 -7.30
CA ALA B 22 8.32 -20.62 -7.77
C ALA B 22 9.40 -20.26 -6.76
N ILE B 23 10.18 -21.26 -6.38
CA ILE B 23 11.39 -21.08 -5.59
C ILE B 23 12.55 -21.23 -6.57
N TYR B 24 13.34 -20.17 -6.75
CA TYR B 24 14.42 -20.20 -7.72
C TYR B 24 15.66 -19.49 -7.18
N ASN B 25 16.83 -20.07 -7.45
CA ASN B 25 18.12 -19.48 -7.17
C ASN B 25 18.76 -19.09 -8.50
N PRO B 26 18.87 -17.79 -8.82
CA PRO B 26 19.47 -17.40 -10.09
C PRO B 26 20.90 -17.87 -10.26
N ALA B 27 21.68 -17.91 -9.18
CA ALA B 27 23.07 -18.33 -9.27
C ALA B 27 23.21 -19.82 -9.58
N LEU B 28 22.17 -20.61 -9.36
CA LEU B 28 22.23 -22.03 -9.67
C LEU B 28 22.38 -22.26 -11.17
N GLY B 29 21.68 -21.47 -11.98
CA GLY B 29 21.76 -21.61 -13.42
C GLY B 29 22.38 -20.41 -14.09
N THR B 30 23.58 -20.59 -14.63
CA THR B 30 24.30 -19.52 -15.31
C THR B 30 24.31 -19.67 -16.82
N THR B 31 24.73 -20.84 -17.32
CA THR B 31 24.77 -21.06 -18.76
C THR B 31 23.35 -21.27 -19.31
N ASP B 32 23.27 -21.43 -20.63
CA ASP B 32 21.97 -21.57 -21.28
C ASP B 32 21.32 -22.90 -20.94
N GLU B 33 22.08 -24.00 -21.06
CA GLU B 33 21.50 -25.31 -20.80
C GLU B 33 21.26 -25.57 -19.31
N THR B 34 21.88 -24.78 -18.43
CA THR B 34 21.67 -24.90 -17.00
C THR B 34 20.59 -23.95 -16.48
N LEU B 35 19.87 -23.26 -17.38
CA LEU B 35 18.80 -22.39 -16.93
C LEU B 35 17.69 -23.19 -16.27
N GLU B 36 17.46 -24.43 -16.74
CA GLU B 36 16.36 -25.24 -16.23
C GLU B 36 16.50 -25.54 -14.75
N ASP B 37 17.72 -25.54 -14.22
CA ASP B 37 17.89 -25.83 -12.80
C ASP B 37 17.77 -24.59 -11.92
N GLN B 38 17.47 -23.42 -12.50
CA GLN B 38 17.20 -22.25 -11.66
C GLN B 38 15.96 -22.47 -10.81
N ILE B 39 14.90 -23.02 -11.40
CA ILE B 39 13.67 -23.32 -10.66
C ILE B 39 13.94 -24.54 -9.78
N VAL B 40 14.23 -24.29 -8.51
CA VAL B 40 14.41 -25.39 -7.57
C VAL B 40 13.05 -25.94 -7.15
N TYR B 41 11.99 -25.13 -7.26
CA TYR B 41 10.63 -25.60 -7.05
C TYR B 41 9.66 -24.77 -7.89
N TYR B 42 8.64 -25.44 -8.44
CA TYR B 42 7.58 -24.75 -9.16
C TYR B 42 6.26 -25.47 -8.92
N ALA B 43 5.19 -24.70 -8.72
CA ALA B 43 3.87 -25.28 -8.49
C ALA B 43 2.80 -24.39 -9.10
N THR B 44 1.80 -25.02 -9.70
CA THR B 44 0.60 -24.36 -10.20
C THR B 44 -0.63 -25.03 -9.61
N ALA B 45 -1.79 -24.41 -9.83
CA ALA B 45 -3.04 -24.96 -9.30
C ALA B 45 -3.32 -26.34 -9.88
N SER B 46 -3.00 -26.55 -11.16
CA SER B 46 -3.13 -27.88 -11.76
C SER B 46 -2.21 -28.87 -11.07
N THR B 47 -0.98 -28.46 -10.77
CA THR B 47 -0.07 -29.31 -10.01
C THR B 47 -0.58 -29.52 -8.58
N LEU B 48 -1.09 -28.47 -7.97
CA LEU B 48 -1.50 -28.52 -6.57
C LEU B 48 -2.84 -29.21 -6.35
N SER B 49 -3.58 -29.53 -7.41
CA SER B 49 -4.88 -30.18 -7.23
C SER B 49 -4.72 -31.55 -6.55
N GLN B 50 -3.71 -32.32 -6.95
CA GLN B 50 -3.47 -33.61 -6.33
C GLN B 50 -3.10 -33.47 -4.86
N ALA B 51 -2.25 -32.49 -4.54
CA ALA B 51 -1.87 -32.27 -3.15
C ALA B 51 -3.07 -31.81 -2.32
N ARG B 52 -3.93 -30.99 -2.90
CA ARG B 52 -5.12 -30.53 -2.19
C ARG B 52 -6.08 -31.68 -1.92
N ARG B 53 -6.29 -32.56 -2.91
CA ARG B 53 -7.22 -33.68 -2.70
C ARG B 53 -6.63 -34.71 -1.76
N ARG B 54 -5.29 -34.82 -1.71
CA ARG B 54 -4.67 -35.68 -0.70
C ARG B 54 -4.84 -35.11 0.69
N HIS B 55 -4.71 -33.79 0.84
CA HIS B 55 -4.86 -33.15 2.14
C HIS B 55 -6.30 -32.67 2.35
N SER B 95 5.04 -30.67 -19.25
CA SER B 95 5.29 -30.58 -20.68
C SER B 95 6.42 -29.59 -20.97
N LYS B 96 6.93 -29.63 -22.20
CA LYS B 96 8.00 -28.73 -22.60
C LYS B 96 7.52 -27.28 -22.61
N GLU B 97 6.32 -27.03 -23.10
CA GLU B 97 5.81 -25.67 -23.18
C GLU B 97 5.54 -25.09 -21.79
N GLU B 98 5.09 -25.94 -20.86
CA GLU B 98 4.86 -25.45 -19.49
C GLU B 98 6.17 -25.03 -18.84
N ARG B 99 7.23 -25.84 -18.98
CA ARG B 99 8.52 -25.46 -18.44
C ARG B 99 9.08 -24.24 -19.17
N HIS B 100 8.75 -24.10 -20.46
CA HIS B 100 9.14 -22.91 -21.20
C HIS B 100 8.48 -21.67 -20.63
N GLU B 101 7.21 -21.78 -20.24
CA GLU B 101 6.56 -20.67 -19.55
C GLU B 101 7.18 -20.40 -18.19
N ARG B 102 7.53 -21.45 -17.46
CA ARG B 102 8.12 -21.27 -16.13
C ARG B 102 9.46 -20.53 -16.20
N LEU B 103 10.32 -20.92 -17.15
CA LEU B 103 11.61 -20.26 -17.29
C LEU B 103 11.45 -18.82 -17.74
N ARG B 104 10.49 -18.52 -18.62
CA ARG B 104 10.23 -17.13 -18.99
C ARG B 104 9.76 -16.31 -17.80
N GLN B 105 8.89 -16.89 -16.95
CA GLN B 105 8.40 -16.18 -15.78
C GLN B 105 9.55 -15.85 -14.83
N ILE B 106 10.39 -16.83 -14.50
CA ILE B 106 11.48 -16.55 -13.58
C ILE B 106 12.52 -15.63 -14.23
N GLY B 107 12.71 -15.75 -15.54
CA GLY B 107 13.66 -14.89 -16.22
C GLY B 107 13.22 -13.44 -16.20
N LEU B 108 11.92 -13.19 -16.36
CA LEU B 108 11.48 -11.80 -16.33
C LEU B 108 11.34 -11.29 -14.90
N ALA B 109 11.16 -12.18 -13.92
CA ALA B 109 11.32 -11.76 -12.53
C ALA B 109 12.74 -11.27 -12.26
N GLN B 110 13.72 -12.03 -12.73
CA GLN B 110 15.11 -11.59 -12.64
C GLN B 110 15.34 -10.31 -13.44
N GLY B 111 14.64 -10.18 -14.57
CA GLY B 111 14.74 -8.96 -15.34
C GLY B 111 14.23 -7.74 -14.61
N MET B 112 13.08 -7.86 -13.93
CA MET B 112 12.58 -6.75 -13.13
C MET B 112 13.51 -6.42 -11.97
N VAL B 113 14.07 -7.43 -11.30
CA VAL B 113 14.94 -7.09 -10.17
C VAL B 113 16.22 -6.42 -10.66
N GLU B 114 16.76 -6.87 -11.80
CA GLU B 114 17.92 -6.21 -12.39
C GLU B 114 17.58 -4.80 -12.84
N PHE B 115 16.38 -4.60 -13.40
CA PHE B 115 15.97 -3.30 -13.88
C PHE B 115 15.77 -2.31 -12.75
N ALA B 116 15.09 -2.73 -11.67
CA ALA B 116 14.78 -1.86 -10.55
C ALA B 116 15.90 -1.78 -9.53
N LYS B 117 16.98 -2.56 -9.70
CA LYS B 117 18.14 -2.41 -8.82
C LYS B 117 18.74 -1.02 -8.95
N SER B 118 18.82 -0.50 -10.17
CA SER B 118 19.36 0.84 -10.38
C SER B 118 18.40 1.92 -9.86
N PHE B 119 17.10 1.71 -10.05
CA PHE B 119 16.13 2.74 -9.65
C PHE B 119 15.99 2.82 -8.14
N SER B 120 15.87 1.67 -7.47
CA SER B 120 15.70 1.63 -6.02
C SER B 120 17.02 1.66 -5.27
N ASP B 121 18.15 1.69 -5.98
CA ASP B 121 19.48 1.78 -5.39
C ASP B 121 19.74 0.63 -4.42
N GLY B 122 19.49 -0.59 -4.88
CA GLY B 122 19.78 -1.77 -4.09
C GLY B 122 18.55 -2.39 -3.44
N GLU B 123 17.43 -2.40 -4.15
CA GLU B 123 16.22 -3.01 -3.62
C GLU B 123 15.44 -3.66 -4.77
N PRO B 124 15.15 -4.95 -4.68
CA PRO B 124 14.46 -5.63 -5.78
C PRO B 124 12.98 -5.29 -5.80
N VAL B 125 12.31 -5.77 -6.86
CA VAL B 125 10.88 -5.56 -7.03
C VAL B 125 10.15 -6.39 -5.98
N ASP B 126 9.59 -5.72 -4.97
CA ASP B 126 8.89 -6.44 -3.91
C ASP B 126 7.59 -7.04 -4.41
N THR B 127 6.76 -6.25 -5.09
CA THR B 127 5.44 -6.68 -5.51
C THR B 127 5.23 -6.30 -6.97
N ILE B 128 4.32 -7.00 -7.63
CA ILE B 128 3.90 -6.71 -9.00
C ILE B 128 2.38 -6.75 -9.01
N ASP B 129 1.76 -5.64 -9.40
CA ASP B 129 0.31 -5.55 -9.47
C ASP B 129 -0.14 -5.62 -10.92
N THR B 130 -0.92 -6.65 -11.25
CA THR B 130 -1.43 -6.81 -12.60
C THR B 130 -2.95 -6.80 -12.58
N GLU B 131 -3.58 -7.06 -13.73
CA GLU B 131 -5.03 -7.05 -13.79
C GLU B 131 -5.63 -8.30 -13.14
N LYS B 132 -5.03 -9.47 -13.37
CA LYS B 132 -5.60 -10.72 -12.90
C LYS B 132 -4.62 -11.55 -12.08
N ALA B 133 -3.55 -10.95 -11.56
CA ALA B 133 -2.60 -11.68 -10.74
C ALA B 133 -1.84 -10.71 -9.85
N ARG B 134 -1.97 -10.88 -8.55
CA ARG B 134 -1.20 -10.09 -7.58
C ARG B 134 0.10 -10.83 -7.31
N VAL B 135 1.09 -10.58 -8.16
CA VAL B 135 2.35 -11.31 -8.05
C VAL B 135 3.20 -10.66 -6.96
N ILE B 136 3.91 -11.48 -6.20
CA ILE B 136 4.92 -10.98 -5.27
C ILE B 136 6.20 -11.77 -5.47
N LEU B 137 7.33 -11.13 -5.19
CA LEU B 137 8.64 -11.75 -5.25
C LEU B 137 9.42 -11.35 -4.02
N VAL B 138 9.70 -12.32 -3.16
CA VAL B 138 10.33 -12.05 -1.86
C VAL B 138 11.68 -12.76 -1.82
N GLU B 139 12.71 -12.01 -1.44
CA GLU B 139 14.05 -12.57 -1.25
C GLU B 139 14.12 -13.11 0.17
N VAL B 140 13.92 -14.42 0.32
CA VAL B 140 13.95 -15.02 1.64
C VAL B 140 15.34 -14.99 2.23
N GLU B 141 16.37 -15.20 1.40
CA GLU B 141 17.75 -15.08 1.83
C GLU B 141 18.59 -14.71 0.62
N GLU B 142 19.87 -14.43 0.87
CA GLU B 142 20.75 -13.94 -0.18
C GLU B 142 20.84 -14.94 -1.32
N GLY B 143 20.32 -14.54 -2.48
CA GLY B 143 20.34 -15.36 -3.67
C GLY B 143 19.15 -16.27 -3.85
N TRP B 144 18.23 -16.34 -2.89
CA TRP B 144 17.09 -17.23 -2.99
C TRP B 144 15.81 -16.40 -3.00
N TRP B 145 14.91 -16.71 -3.93
CA TRP B 145 13.70 -15.93 -4.14
C TRP B 145 12.49 -16.84 -4.19
N ILE B 146 11.36 -16.32 -3.71
CA ILE B 146 10.06 -16.95 -3.84
C ILE B 146 9.24 -16.03 -4.73
N LEU B 147 8.85 -16.53 -5.90
CA LEU B 147 7.98 -15.81 -6.83
C LEU B 147 6.62 -16.46 -6.82
N ALA B 148 5.63 -15.78 -6.26
CA ALA B 148 4.28 -16.32 -6.12
C ALA B 148 3.28 -15.39 -6.78
N SER B 149 2.59 -15.89 -7.80
CA SER B 149 1.54 -15.13 -8.47
C SER B 149 0.19 -15.62 -7.94
N ILE B 150 -0.61 -14.70 -7.43
CA ILE B 150 -1.90 -15.02 -6.84
C ILE B 150 -2.98 -14.44 -7.74
N ASP B 151 -3.73 -15.30 -8.42
CA ASP B 151 -4.80 -14.85 -9.27
C ASP B 151 -5.92 -14.24 -8.43
N LEU B 152 -6.49 -13.14 -8.93
CA LEU B 152 -7.55 -12.46 -8.21
C LEU B 152 -8.89 -13.14 -8.45
N THR B 153 -9.91 -12.71 -7.72
CA THR B 153 -11.25 -13.26 -7.88
C THR B 153 -11.77 -12.95 -9.28
N ARG B 154 -12.17 -14.00 -9.99
CA ARG B 154 -12.72 -13.85 -11.33
C ARG B 154 -14.25 -13.89 -11.25
N LEU B 155 -14.88 -12.75 -11.45
CA LEU B 155 -16.33 -12.63 -11.34
C LEU B 155 -16.94 -12.59 -12.73
N PRO B 156 -17.70 -13.62 -13.14
CA PRO B 156 -18.38 -13.63 -14.44
C PRO B 156 -19.44 -12.53 -14.56
N PRO B 182 -15.97 -15.91 -22.42
CA PRO B 182 -15.74 -15.95 -20.97
C PRO B 182 -15.16 -14.64 -20.42
N ALA B 183 -15.92 -13.57 -20.50
CA ALA B 183 -15.50 -12.28 -19.95
C ALA B 183 -15.68 -12.30 -18.44
N TYR B 184 -14.57 -12.15 -17.72
CA TYR B 184 -14.58 -12.14 -16.26
C TYR B 184 -14.20 -10.75 -15.75
N GLU B 185 -14.85 -10.35 -14.66
CA GLU B 185 -14.48 -9.13 -13.94
C GLU B 185 -13.60 -9.50 -12.75
N TYR B 186 -12.46 -8.83 -12.62
CA TYR B 186 -11.43 -9.19 -11.65
C TYR B 186 -11.50 -8.26 -10.46
N SER B 187 -11.32 -8.82 -9.27
CA SER B 187 -11.35 -8.04 -8.04
C SER B 187 -10.54 -8.76 -6.98
N SER B 188 -10.13 -8.01 -5.96
CA SER B 188 -9.31 -8.53 -4.86
C SER B 188 -9.85 -8.03 -3.52
N ARG B 189 -11.17 -8.17 -3.32
CA ARG B 189 -11.79 -7.69 -2.09
C ARG B 189 -11.28 -8.45 -0.87
N GLU B 190 -11.16 -9.78 -0.97
CA GLU B 190 -10.78 -10.61 0.15
C GLU B 190 -9.39 -11.23 -0.02
N VAL B 191 -8.69 -10.91 -1.11
CA VAL B 191 -7.34 -11.42 -1.31
C VAL B 191 -6.40 -10.80 -0.28
N LYS B 192 -5.50 -11.61 0.25
CA LYS B 192 -4.55 -11.11 1.23
C LYS B 192 -3.66 -10.06 0.59
N PRO B 193 -3.39 -8.94 1.27
CA PRO B 193 -2.52 -7.91 0.71
C PRO B 193 -1.10 -8.44 0.54
N PRO B 194 -0.33 -7.89 -0.40
CA PRO B 194 1.00 -8.44 -0.70
C PRO B 194 1.94 -8.42 0.49
N SER B 195 1.78 -7.48 1.42
CA SER B 195 2.55 -7.55 2.66
C SER B 195 2.21 -8.80 3.46
N LEU B 196 0.93 -9.12 3.54
CA LEU B 196 0.50 -10.32 4.27
C LEU B 196 0.92 -11.59 3.53
N LEU B 197 0.87 -11.57 2.20
CA LEU B 197 1.33 -12.72 1.43
C LEU B 197 2.83 -12.93 1.60
N ARG B 198 3.60 -11.83 1.63
CA ARG B 198 5.02 -11.93 1.89
C ARG B 198 5.29 -12.47 3.29
N ALA B 199 4.50 -12.02 4.27
CA ALA B 199 4.65 -12.54 5.63
C ALA B 199 4.36 -14.03 5.70
N ASP B 200 3.32 -14.48 5.00
CA ASP B 200 2.99 -15.90 4.99
C ASP B 200 4.07 -16.73 4.31
N LEU B 201 4.60 -16.25 3.19
CA LEU B 201 5.67 -16.98 2.52
C LEU B 201 6.93 -17.01 3.37
N LEU B 202 7.24 -15.91 4.06
CA LEU B 202 8.38 -15.91 4.97
C LEU B 202 8.17 -16.87 6.11
N ARG B 203 6.93 -16.96 6.62
CA ARG B 203 6.62 -17.93 7.67
C ARG B 203 6.81 -19.35 7.17
N ALA B 204 6.37 -19.64 5.96
CA ALA B 204 6.55 -20.97 5.40
C ALA B 204 8.02 -21.29 5.19
N TYR B 205 8.80 -20.30 4.74
CA TYR B 205 10.23 -20.49 4.56
C TYR B 205 10.92 -20.74 5.90
N ASP B 206 10.49 -20.03 6.95
CA ASP B 206 11.07 -20.24 8.27
C ASP B 206 10.70 -21.62 8.82
N LEU B 207 9.48 -22.09 8.55
CA LEU B 207 9.12 -23.47 8.89
C LEU B 207 9.98 -24.48 8.15
N PHE B 208 10.21 -24.24 6.86
CA PHE B 208 11.06 -25.14 6.08
C PHE B 208 12.47 -25.18 6.63
N LEU B 209 13.02 -24.02 7.00
CA LEU B 209 14.33 -24.00 7.65
C LEU B 209 14.29 -24.68 9.01
N LEU B 210 13.18 -24.55 9.72
CA LEU B 210 13.04 -25.22 11.01
C LEU B 210 13.14 -26.73 10.86
N HIS B 211 12.49 -27.27 9.83
CA HIS B 211 12.53 -28.72 9.60
C HIS B 211 13.71 -29.15 8.74
N HIS B 212 14.38 -28.23 8.05
CA HIS B 212 15.47 -28.59 7.14
C HIS B 212 16.59 -27.56 7.25
N GLY B 213 17.74 -27.99 7.76
CA GLY B 213 18.96 -27.21 7.72
C GLY B 213 18.94 -25.85 8.38
N SER B 214 20.03 -25.10 8.27
CA SER B 214 20.07 -23.75 8.80
C SER B 214 19.63 -22.70 7.80
N SER B 215 19.91 -22.92 6.52
CA SER B 215 19.54 -21.99 5.46
C SER B 215 19.43 -22.76 4.16
N LEU B 216 18.77 -22.14 3.17
CA LEU B 216 18.62 -22.78 1.87
C LEU B 216 19.96 -22.97 1.18
N SER B 217 20.85 -21.98 1.30
CA SER B 217 22.17 -22.11 0.69
C SER B 217 22.97 -23.24 1.35
N SER B 218 22.92 -23.32 2.69
CA SER B 218 23.58 -24.42 3.39
C SER B 218 22.95 -25.75 3.05
N LEU B 219 21.61 -25.79 2.95
CA LEU B 219 20.92 -27.02 2.57
C LEU B 219 21.38 -27.49 1.20
N LEU B 220 21.48 -26.57 0.23
CA LEU B 220 22.00 -26.92 -1.08
C LEU B 220 23.42 -27.45 -0.99
N ALA B 221 24.33 -26.63 -0.46
CA ALA B 221 25.75 -26.98 -0.46
C ALA B 221 26.06 -28.22 0.37
N SER B 222 25.15 -28.65 1.23
CA SER B 222 25.34 -29.89 1.99
C SER B 222 24.66 -31.08 1.32
N GLN B 223 23.35 -31.00 1.10
CA GLN B 223 22.61 -32.16 0.63
C GLN B 223 22.79 -32.44 -0.85
N GLY B 224 22.87 -31.41 -1.69
CA GLY B 224 22.80 -31.60 -3.12
C GLY B 224 21.46 -31.13 -3.66
N ARG B 225 21.48 -30.77 -4.95
CA ARG B 225 20.32 -30.14 -5.57
C ARG B 225 19.15 -31.10 -5.66
N ALA B 226 19.40 -32.38 -5.94
CA ALA B 226 18.31 -33.34 -6.04
C ALA B 226 17.58 -33.51 -4.72
N GLN B 227 18.33 -33.66 -3.63
CA GLN B 227 17.72 -33.78 -2.31
C GLN B 227 17.00 -32.50 -1.92
N LEU B 228 17.59 -31.35 -2.22
CA LEU B 228 16.93 -30.08 -1.91
C LEU B 228 15.63 -29.93 -2.70
N VAL B 229 15.64 -30.33 -3.97
CA VAL B 229 14.44 -30.28 -4.79
C VAL B 229 13.36 -31.18 -4.22
N ALA B 230 13.73 -32.40 -3.82
CA ALA B 230 12.75 -33.33 -3.28
C ALA B 230 12.14 -32.80 -1.98
N SER B 231 12.98 -32.32 -1.07
CA SER B 231 12.48 -31.82 0.21
C SER B 231 11.61 -30.58 0.02
N LEU B 232 12.05 -29.65 -0.82
CA LEU B 232 11.26 -28.47 -1.12
C LEU B 232 9.93 -28.83 -1.76
N THR B 233 9.97 -29.81 -2.68
CA THR B 233 8.74 -30.24 -3.35
C THR B 233 7.74 -30.78 -2.34
N ARG B 234 8.19 -31.69 -1.46
CA ARG B 234 7.27 -32.25 -0.47
C ARG B 234 6.72 -31.16 0.45
N PHE B 235 7.60 -30.37 1.05
CA PHE B 235 7.14 -29.38 2.04
C PHE B 235 6.23 -28.34 1.41
N TRP B 236 6.60 -27.83 0.23
CA TRP B 236 5.83 -26.74 -0.34
C TRP B 236 4.57 -27.23 -1.04
N ASP B 237 4.55 -28.47 -1.54
CA ASP B 237 3.29 -29.04 -1.98
C ASP B 237 2.32 -29.16 -0.82
N HIS B 238 2.79 -29.66 0.32
CA HIS B 238 1.92 -29.75 1.48
C HIS B 238 1.43 -28.38 1.91
N PHE B 239 2.34 -27.39 1.98
CA PHE B 239 1.95 -26.07 2.44
C PHE B 239 0.97 -25.41 1.49
N LEU B 240 1.26 -25.44 0.18
CA LEU B 240 0.40 -24.79 -0.79
C LEU B 240 -0.95 -25.50 -0.91
N ALA B 241 -0.98 -26.81 -0.66
CA ALA B 241 -2.26 -27.49 -0.54
C ALA B 241 -3.03 -26.98 0.67
N THR B 242 -2.34 -26.76 1.79
CA THR B 242 -2.99 -26.25 2.98
C THR B 242 -3.10 -24.72 3.01
N TRP B 243 -2.51 -24.03 2.04
CA TRP B 243 -2.48 -22.57 2.08
C TRP B 243 -3.77 -21.99 1.51
N ASN B 244 -4.38 -21.07 2.26
CA ASN B 244 -5.54 -20.31 1.81
C ASN B 244 -5.07 -18.88 1.55
N VAL B 245 -5.17 -18.44 0.29
CA VAL B 245 -4.68 -17.11 -0.09
C VAL B 245 -5.71 -16.02 0.09
N LEU B 246 -6.92 -16.35 0.53
CA LEU B 246 -7.88 -15.33 0.90
C LEU B 246 -7.69 -14.91 2.36
N LEU B 247 -8.46 -13.92 2.79
CA LEU B 247 -8.38 -13.48 4.18
C LEU B 247 -9.05 -14.49 5.10
N HIS B 248 -8.33 -14.92 6.13
CA HIS B 248 -8.82 -15.96 7.03
C HIS B 248 -8.07 -15.86 8.34
N GLY B 249 -8.69 -16.38 9.40
CA GLY B 249 -8.05 -16.40 10.69
C GLY B 249 -7.85 -15.00 11.24
N ASN B 250 -6.65 -14.72 11.74
CA ASN B 250 -6.29 -13.43 12.31
C ASN B 250 -5.06 -12.91 11.59
N PRO B 251 -5.23 -12.30 10.41
CA PRO B 251 -4.06 -11.78 9.68
C PRO B 251 -3.26 -10.73 10.42
N ALA B 252 -3.88 -9.98 11.33
CA ALA B 252 -3.16 -8.96 12.08
C ALA B 252 -2.09 -9.60 12.96
N CYS B 253 -2.38 -10.77 13.53
CA CYS B 253 -1.35 -11.55 14.20
C CYS B 253 -0.33 -12.07 13.19
N ASP B 254 -0.78 -12.37 11.98
CA ASP B 254 0.07 -12.98 10.96
C ASP B 254 0.85 -11.96 10.14
N VAL B 255 0.45 -10.70 10.14
CA VAL B 255 1.17 -9.72 9.33
C VAL B 255 2.47 -9.29 10.00
N PHE B 256 2.56 -9.32 11.33
CA PHE B 256 3.82 -9.10 12.02
C PHE B 256 4.63 -10.37 12.16
N GLY B 257 4.07 -11.53 11.82
CA GLY B 257 4.66 -12.79 12.21
C GLY B 257 4.67 -12.87 13.72
N GLY B 258 5.85 -13.02 14.31
CA GLY B 258 5.99 -12.92 15.73
C GLY B 258 5.43 -14.09 16.52
N ILE B 259 5.69 -14.11 17.82
CA ILE B 259 5.17 -15.15 18.70
C ILE B 259 3.80 -14.70 19.19
N LYS B 260 2.75 -15.38 18.73
CA LYS B 260 1.39 -15.08 19.16
C LYS B 260 1.20 -15.64 20.57
N LEU B 261 1.02 -14.76 21.54
CA LEU B 261 0.79 -15.18 22.91
C LEU B 261 -0.71 -15.39 23.15
N ALA B 262 -1.01 -16.14 24.21
CA ALA B 262 -2.40 -16.43 24.55
C ALA B 262 -3.03 -15.21 25.21
N ALA B 263 -4.29 -15.37 25.63
CA ALA B 263 -4.98 -14.28 26.32
C ALA B 263 -4.29 -13.93 27.63
N SER B 264 -3.87 -14.95 28.40
CA SER B 264 -3.07 -14.70 29.58
C SER B 264 -1.69 -14.18 29.25
N GLY B 265 -1.21 -14.42 28.02
CA GLY B 265 0.06 -13.90 27.57
C GLY B 265 1.24 -14.74 27.99
N GLU B 266 1.62 -14.66 29.26
CA GLU B 266 2.77 -15.38 29.77
C GLU B 266 2.55 -15.69 31.24
N LEU B 267 3.19 -16.78 31.69
CA LEU B 267 3.12 -17.15 33.10
C LEU B 267 3.92 -16.16 33.94
N GLY B 268 3.39 -15.84 35.12
CA GLY B 268 4.10 -14.96 36.02
C GLY B 268 5.40 -15.58 36.50
N ILE B 269 6.47 -14.79 36.48
CA ILE B 269 7.80 -15.27 36.80
C ILE B 269 8.13 -15.07 38.28
N GLY B 270 7.77 -13.92 38.84
CA GLY B 270 8.10 -13.62 40.22
C GLY B 270 7.20 -14.33 41.20
N VAL B 271 7.55 -14.18 42.48
CA VAL B 271 6.73 -14.74 43.56
C VAL B 271 5.51 -13.86 43.77
N GLY B 272 4.43 -14.46 44.28
CA GLY B 272 3.20 -13.75 44.48
C GLY B 272 2.30 -13.67 43.27
N GLU B 273 2.69 -14.29 42.16
CA GLU B 273 1.88 -14.33 40.94
C GLU B 273 1.40 -15.75 40.67
N GLU B 274 1.00 -16.45 41.73
CA GLU B 274 0.54 -17.82 41.59
C GLU B 274 -0.73 -17.92 40.75
N GLU B 275 -1.58 -16.88 40.79
CA GLU B 275 -2.76 -16.86 39.94
C GLU B 275 -2.38 -16.66 38.48
N ARG B 276 -1.21 -16.07 38.21
CA ARG B 276 -0.72 -15.90 36.86
C ARG B 276 0.18 -17.05 36.41
N GLY B 277 0.38 -18.06 37.26
CA GLY B 277 1.16 -19.21 36.87
C GLY B 277 2.60 -19.20 37.35
N SER B 278 2.82 -18.76 38.59
CA SER B 278 4.18 -18.73 39.10
C SER B 278 4.70 -20.14 39.39
N GLY B 279 3.87 -20.98 40.00
CA GLY B 279 4.29 -22.34 40.31
C GLY B 279 4.55 -23.17 39.07
N GLU B 280 3.66 -23.05 38.08
CA GLU B 280 3.86 -23.75 36.81
C GLU B 280 5.11 -23.26 36.11
N ARG B 281 5.35 -21.94 36.15
CA ARG B 281 6.57 -21.39 35.58
C ARG B 281 7.81 -21.97 36.27
N GLU B 282 7.79 -22.04 37.60
CA GLU B 282 8.92 -22.59 38.33
C GLU B 282 9.14 -24.07 38.00
N VAL B 283 8.06 -24.84 37.90
CA VAL B 283 8.18 -26.26 37.60
C VAL B 283 8.74 -26.47 36.20
N LEU B 284 8.19 -25.75 35.21
CA LEU B 284 8.69 -25.89 33.85
C LEU B 284 10.10 -25.33 33.70
N GLU B 285 10.47 -24.38 34.56
CA GLU B 285 11.83 -23.85 34.54
C GLU B 285 12.81 -24.88 35.08
N GLY B 286 12.47 -25.51 36.21
CA GLY B 286 13.33 -26.54 36.76
C GLY B 286 13.29 -27.86 36.05
N LEU B 287 12.29 -28.06 35.17
CA LEU B 287 12.22 -29.29 34.39
C LEU B 287 13.42 -29.44 33.46
N VAL B 288 13.86 -28.34 32.85
CA VAL B 288 14.97 -28.41 31.91
C VAL B 288 16.27 -28.79 32.60
N GLU B 289 16.38 -28.60 33.91
CA GLU B 289 17.52 -29.12 34.66
C GLU B 289 17.26 -30.49 35.25
N ARG B 290 16.00 -30.81 35.56
CA ARG B 290 15.69 -32.09 36.18
C ARG B 290 15.92 -33.25 35.21
N VAL B 291 15.55 -33.07 33.94
CA VAL B 291 15.74 -34.10 32.92
C VAL B 291 16.90 -33.68 32.02
N GLU B 292 17.74 -34.64 31.65
CA GLU B 292 18.88 -34.36 30.80
C GLU B 292 18.46 -34.25 29.35
N GLY B 293 19.29 -33.59 28.56
CA GLY B 293 19.05 -33.40 27.13
C GLY B 293 18.09 -32.28 26.80
N LEU B 294 17.07 -32.10 27.63
CA LEU B 294 16.10 -31.04 27.40
C LEU B 294 16.74 -29.68 27.58
N VAL B 295 16.53 -28.79 26.63
CA VAL B 295 17.06 -27.44 26.70
C VAL B 295 15.93 -26.41 26.81
N ASP B 296 14.80 -26.65 26.16
CA ASP B 296 13.72 -25.67 26.10
C ASP B 296 12.37 -26.36 26.20
N VAL B 297 11.45 -25.68 26.87
CA VAL B 297 10.05 -26.09 26.98
C VAL B 297 9.19 -24.98 26.43
N VAL B 298 8.35 -25.31 25.45
CA VAL B 298 7.42 -24.35 24.86
C VAL B 298 6.03 -24.94 24.97
N VAL B 299 5.14 -24.25 25.68
CA VAL B 299 3.77 -24.72 25.85
C VAL B 299 2.82 -23.55 25.61
N GLY B 300 1.67 -23.86 25.03
CA GLY B 300 0.68 -22.84 24.76
C GLY B 300 -0.71 -23.44 24.73
N ARG B 301 -1.70 -22.61 25.04
CA ARG B 301 -3.09 -23.06 25.09
C ARG B 301 -3.69 -22.96 23.69
N TYR B 302 -4.31 -24.05 23.24
CA TYR B 302 -4.99 -24.08 21.95
C TYR B 302 -6.32 -24.80 22.13
N GLY B 303 -7.40 -24.03 22.23
CA GLY B 303 -8.71 -24.61 22.45
C GLY B 303 -9.18 -24.46 23.87
N GLY B 304 -9.80 -25.51 24.42
CA GLY B 304 -10.32 -25.47 25.76
C GLY B 304 -10.09 -26.76 26.51
N PRO B 305 -10.56 -26.80 27.76
CA PRO B 305 -10.44 -28.02 28.56
C PRO B 305 -11.27 -29.15 27.98
N PRO B 306 -10.98 -30.40 28.34
CA PRO B 306 -11.76 -31.52 27.78
C PRO B 306 -13.23 -31.43 28.19
N SER B 307 -14.10 -31.81 27.25
CA SER B 307 -15.53 -31.87 27.52
C SER B 307 -15.89 -33.25 28.04
N GLU B 308 -16.54 -33.28 29.21
CA GLU B 308 -16.93 -34.54 29.84
C GLU B 308 -18.23 -35.03 29.19
N LYS B 309 -18.09 -35.51 27.96
CA LYS B 309 -19.22 -35.99 27.18
C LYS B 309 -18.88 -37.33 26.55
N GLY B 310 -19.72 -37.81 25.63
CA GLY B 310 -19.50 -39.06 24.94
C GLY B 310 -18.20 -39.07 24.15
N PRO B 311 -18.14 -38.28 23.07
CA PRO B 311 -16.89 -38.14 22.30
C PRO B 311 -15.88 -37.24 23.01
N GLU B 312 -15.14 -37.83 23.94
CA GLU B 312 -14.15 -37.07 24.71
C GLU B 312 -12.98 -36.63 23.84
N GLU B 313 -12.71 -37.36 22.75
CA GLU B 313 -11.58 -37.02 21.88
C GLU B 313 -11.81 -35.69 21.18
N GLU B 314 -13.01 -35.51 20.60
CA GLU B 314 -13.43 -34.28 19.93
C GLU B 314 -12.59 -33.95 18.70
N GLN B 315 -11.62 -34.81 18.37
CA GLN B 315 -10.68 -34.59 17.26
C GLN B 315 -10.05 -33.19 17.34
N TRP B 316 -9.67 -32.79 18.55
CA TRP B 316 -9.24 -31.41 18.77
C TRP B 316 -7.92 -31.11 18.05
N LEU B 317 -7.00 -32.08 18.02
CA LEU B 317 -5.66 -31.83 17.52
C LEU B 317 -5.62 -31.59 16.01
N GLY B 318 -6.66 -31.94 15.28
CA GLY B 318 -6.69 -31.69 13.85
C GLY B 318 -7.62 -30.57 13.45
N LEU B 319 -8.69 -30.93 12.73
CA LEU B 319 -9.79 -30.04 12.34
C LEU B 319 -9.43 -29.04 11.26
N GLY B 320 -8.14 -28.93 10.93
CA GLY B 320 -7.67 -28.02 9.90
C GLY B 320 -8.15 -26.58 9.99
N GLY B 321 -8.55 -26.15 11.18
CA GLY B 321 -9.18 -24.86 11.35
C GLY B 321 -8.20 -23.71 11.46
N GLU B 322 -8.48 -22.78 12.39
CA GLU B 322 -7.63 -21.63 12.61
C GLU B 322 -7.43 -21.44 14.11
N VAL B 323 -6.30 -20.81 14.46
CA VAL B 323 -6.03 -20.53 15.86
C VAL B 323 -6.92 -19.40 16.35
N GLY B 324 -7.47 -19.57 17.55
CA GLY B 324 -8.32 -18.56 18.14
C GLY B 324 -7.54 -17.36 18.63
N GLU B 325 -8.29 -16.30 18.94
CA GLU B 325 -7.65 -15.09 19.46
C GLU B 325 -7.06 -15.32 20.84
N GLU B 326 -7.63 -16.23 21.62
CA GLU B 326 -7.10 -16.57 22.93
C GLU B 326 -6.06 -17.70 22.87
N ASP B 327 -5.87 -18.31 21.70
CA ASP B 327 -4.93 -19.41 21.55
C ASP B 327 -3.55 -18.86 21.21
N GLY B 328 -2.55 -19.31 21.94
CA GLY B 328 -1.18 -18.86 21.71
C GLY B 328 -0.28 -19.45 22.77
N ALA B 329 1.01 -19.13 22.63
CA ALA B 329 2.01 -19.63 23.56
C ALA B 329 1.78 -19.04 24.96
N VAL B 330 1.87 -19.89 25.98
CA VAL B 330 1.72 -19.45 27.36
C VAL B 330 3.02 -19.50 28.14
N PHE B 331 3.99 -20.31 27.72
CA PHE B 331 5.30 -20.35 28.36
C PHE B 331 6.33 -20.64 27.28
N LEU B 332 7.18 -19.66 26.99
CA LEU B 332 8.28 -19.84 26.07
C LEU B 332 9.45 -20.51 26.77
N GLY B 333 10.56 -20.66 26.05
CA GLY B 333 11.73 -21.27 26.63
C GLY B 333 12.37 -20.40 27.70
N VAL B 334 13.17 -21.05 28.55
CA VAL B 334 13.96 -20.31 29.53
C VAL B 334 14.99 -19.43 28.83
N GLY B 335 15.49 -19.90 27.69
CA GLY B 335 16.51 -19.20 26.93
C GLY B 335 17.09 -20.17 25.94
N ALA B 336 18.42 -20.17 25.80
CA ALA B 336 19.17 -21.21 25.07
C ALA B 336 18.67 -21.39 23.64
N LEU B 337 17.95 -20.42 23.10
CA LEU B 337 17.36 -20.53 21.77
C LEU B 337 16.99 -19.14 21.29
N ASP B 338 17.50 -18.76 20.12
CA ASP B 338 17.27 -17.41 19.61
C ASP B 338 15.79 -17.16 19.38
N ARG B 339 15.37 -15.91 19.62
CA ARG B 339 13.95 -15.57 19.54
C ARG B 339 13.40 -15.77 18.14
N LYS B 340 14.26 -15.62 17.12
CA LYS B 340 13.83 -15.92 15.75
C LYS B 340 13.47 -17.38 15.61
N SER B 341 14.25 -18.28 16.21
CA SER B 341 13.91 -19.69 16.21
C SER B 341 12.72 -19.99 17.11
N LEU B 342 12.52 -19.21 18.17
CA LEU B 342 11.36 -19.40 19.02
C LEU B 342 10.08 -19.07 18.26
N ARG B 343 10.13 -18.05 17.40
CA ARG B 343 9.00 -17.76 16.52
C ARG B 343 8.68 -18.95 15.64
N GLY B 344 9.71 -19.58 15.06
CA GLY B 344 9.48 -20.73 14.21
C GLY B 344 8.93 -21.93 14.96
N VAL B 345 9.43 -22.14 16.18
CA VAL B 345 8.93 -23.25 17.00
C VAL B 345 7.47 -23.03 17.36
N VAL B 346 7.11 -21.79 17.73
CA VAL B 346 5.71 -21.49 18.05
C VAL B 346 4.83 -21.66 16.82
N GLN B 347 5.33 -21.26 15.64
CA GLN B 347 4.54 -21.41 14.43
C GLN B 347 4.37 -22.88 14.06
N TRP B 348 5.41 -23.71 14.28
CA TRP B 348 5.27 -25.14 14.06
C TRP B 348 4.26 -25.75 15.03
N MET B 349 4.25 -25.25 16.26
CA MET B 349 3.27 -25.68 17.25
C MET B 349 1.85 -25.31 16.82
N GLU B 350 1.68 -24.11 16.25
CA GLU B 350 0.39 -23.73 15.67
C GLU B 350 0.01 -24.65 14.52
N GLU B 351 0.99 -25.02 13.68
CA GLU B 351 0.72 -25.94 12.59
C GLU B 351 0.30 -27.31 13.11
N VAL B 352 0.93 -27.77 14.19
CA VAL B 352 0.55 -29.04 14.81
C VAL B 352 -0.87 -28.96 15.34
N TYR B 353 -1.24 -27.85 15.97
CA TYR B 353 -2.61 -27.69 16.44
C TYR B 353 -3.60 -27.68 15.28
N VAL B 354 -3.28 -26.99 14.20
CA VAL B 354 -4.18 -26.93 13.06
C VAL B 354 -4.16 -28.25 12.28
N TRP B 355 -2.98 -28.81 12.07
CA TRP B 355 -2.83 -29.95 11.17
C TRP B 355 -2.29 -31.17 11.89
N GLY B 356 -2.88 -31.50 13.04
CA GLY B 356 -2.50 -32.73 13.72
C GLY B 356 -2.74 -33.94 12.84
N GLU B 357 -1.79 -34.88 12.88
CA GLU B 357 -1.69 -36.06 12.02
C GLU B 357 -1.46 -35.70 10.56
N ASN B 358 -1.33 -34.43 10.20
CA ASN B 358 -1.12 -34.01 8.83
C ASN B 358 -0.05 -32.95 8.65
N ALA B 359 0.43 -32.34 9.73
CA ALA B 359 1.51 -31.37 9.62
C ALA B 359 2.80 -32.08 9.23
N PHE B 360 3.84 -31.28 8.95
CA PHE B 360 5.09 -31.85 8.48
C PHE B 360 5.75 -32.67 9.59
N GLY B 361 6.45 -33.73 9.20
CA GLY B 361 7.01 -34.68 10.13
C GLY B 361 6.10 -35.82 10.50
N LYS B 362 4.84 -35.79 10.05
CA LYS B 362 3.81 -36.79 10.31
C LYS B 362 3.69 -37.08 11.80
N PRO B 363 3.17 -36.14 12.61
CA PRO B 363 3.02 -36.40 14.04
C PRO B 363 1.90 -37.40 14.33
N ARG B 364 2.27 -38.61 14.75
CA ARG B 364 1.31 -39.65 15.07
C ARG B 364 1.26 -39.85 16.57
N ARG B 365 0.04 -39.92 17.12
CA ARG B 365 -0.11 -40.11 18.55
C ARG B 365 0.39 -41.48 18.98
N ASP B 366 1.04 -41.53 20.13
CA ASP B 366 1.56 -42.79 20.65
C ASP B 366 0.42 -43.72 21.03
N LEU B 367 0.54 -44.99 20.61
CA LEU B 367 -0.54 -45.94 20.85
C LEU B 367 -0.66 -46.30 22.33
N SER B 368 0.46 -46.34 23.05
CA SER B 368 0.45 -46.63 24.48
C SER B 368 -0.33 -45.57 25.24
N THR B 369 0.14 -44.33 25.20
CA THR B 369 -0.56 -43.19 25.80
C THR B 369 -0.76 -42.15 24.71
N GLY B 370 -2.00 -41.68 24.56
CA GLY B 370 -2.31 -40.70 23.54
C GLY B 370 -1.74 -39.33 23.83
N HIS B 371 -1.21 -39.15 25.04
CA HIS B 371 -0.63 -37.86 25.42
C HIS B 371 0.58 -37.52 24.55
N PHE B 372 1.43 -38.50 24.27
CA PHE B 372 2.67 -38.23 23.56
C PHE B 372 2.45 -38.27 22.04
N LEU B 373 2.83 -37.18 21.39
CA LEU B 373 2.77 -37.04 19.95
C LEU B 373 4.19 -36.76 19.45
N LEU B 374 4.57 -37.40 18.34
CA LEU B 374 5.90 -37.26 17.75
C LEU B 374 6.97 -37.62 18.78
N GLY B 375 7.01 -38.92 19.09
CA GLY B 375 7.88 -39.41 20.14
C GLY B 375 9.35 -39.33 19.75
N LEU B 376 10.20 -39.46 20.78
CA LEU B 376 11.64 -39.35 20.58
C LEU B 376 12.25 -40.59 19.94
N SER B 377 11.63 -41.76 20.12
CA SER B 377 12.16 -43.00 19.56
C SER B 377 12.05 -43.01 18.05
N PRO B 391 17.33 -39.56 14.02
CA PRO B 391 15.90 -39.66 13.70
C PRO B 391 15.31 -38.33 13.26
N LYS B 392 14.04 -38.10 13.57
CA LYS B 392 13.42 -36.82 13.26
C LYS B 392 14.00 -35.73 14.16
N ALA B 393 14.39 -34.61 13.54
CA ALA B 393 14.94 -33.49 14.28
C ALA B 393 14.58 -32.21 13.57
N ILE B 394 14.59 -31.12 14.34
CA ILE B 394 14.33 -29.79 13.79
C ILE B 394 15.55 -28.93 14.01
N PHE B 395 15.71 -27.92 13.17
CA PHE B 395 16.90 -27.06 13.15
C PHE B 395 16.53 -25.69 13.67
N VAL B 396 17.20 -25.27 14.74
CA VAL B 396 16.95 -23.98 15.36
C VAL B 396 18.28 -23.26 15.56
N GLU B 397 18.20 -22.01 16.01
CA GLU B 397 19.36 -21.22 16.37
C GLU B 397 19.30 -20.92 17.86
N LEU B 398 20.41 -21.16 18.56
CA LEU B 398 20.44 -20.99 20.01
C LEU B 398 20.90 -19.60 20.38
N LYS B 399 20.61 -19.22 21.63
CA LYS B 399 21.07 -17.94 22.13
C LYS B 399 22.59 -17.93 22.24
N PRO B 400 23.25 -16.83 21.87
CA PRO B 400 24.70 -16.76 22.04
C PRO B 400 25.15 -16.89 23.48
N SER B 401 24.36 -16.39 24.43
CA SER B 401 24.68 -16.51 25.86
C SER B 401 24.15 -17.83 26.39
N TYR B 402 24.73 -18.92 25.90
CA TYR B 402 24.32 -20.26 26.30
C TYR B 402 25.48 -21.24 26.15
N HIS B 428 23.88 -20.28 17.53
CA HIS B 428 24.49 -21.48 16.97
C HIS B 428 23.43 -22.52 16.61
N THR B 429 23.53 -23.07 15.40
CA THR B 429 22.61 -24.12 14.99
C THR B 429 22.85 -25.38 15.81
N ALA B 430 21.77 -26.01 16.25
CA ALA B 430 21.86 -27.10 17.20
C ALA B 430 21.28 -28.41 16.70
N ARG B 431 20.24 -28.37 15.86
CA ARG B 431 19.53 -29.56 15.39
C ARG B 431 18.97 -30.36 16.57
N LEU B 432 18.07 -29.73 17.32
CA LEU B 432 17.46 -30.37 18.47
C LEU B 432 16.38 -31.36 18.02
N ARG B 433 16.20 -32.41 18.82
CA ARG B 433 15.17 -33.40 18.55
C ARG B 433 13.88 -33.00 19.26
N PRO B 434 12.77 -32.83 18.56
CA PRO B 434 11.53 -32.42 19.23
C PRO B 434 10.71 -33.60 19.72
N VAL B 435 10.00 -33.37 20.82
CA VAL B 435 8.95 -34.27 21.28
C VAL B 435 7.75 -33.41 21.66
N ILE B 436 6.55 -33.85 21.27
CA ILE B 436 5.36 -33.04 21.47
C ILE B 436 4.43 -33.72 22.47
N TYR B 437 4.56 -33.37 23.74
CA TYR B 437 3.59 -33.81 24.73
C TYR B 437 2.29 -33.05 24.50
N VAL B 438 1.18 -33.76 24.52
CA VAL B 438 -0.11 -33.18 24.17
C VAL B 438 -1.09 -33.43 25.32
N SER B 439 -1.51 -32.36 25.97
CA SER B 439 -2.72 -32.35 26.76
C SER B 439 -3.85 -31.78 25.90
N GLN B 440 -5.07 -31.89 26.42
CA GLN B 440 -6.21 -31.42 25.63
C GLN B 440 -6.16 -29.93 25.32
N PRO B 441 -5.85 -29.02 26.28
CA PRO B 441 -5.74 -27.61 25.88
C PRO B 441 -4.32 -27.14 25.63
N PHE B 442 -3.31 -27.94 25.98
CA PHE B 442 -1.92 -27.49 25.95
C PHE B 442 -1.09 -28.39 25.06
N ILE B 443 -0.11 -27.79 24.39
CA ILE B 443 0.80 -28.50 23.48
C ILE B 443 2.20 -28.17 23.96
N TYR B 444 2.77 -29.04 24.80
CA TYR B 444 4.15 -28.89 25.25
C TYR B 444 5.07 -29.36 24.13
N ILE B 445 5.96 -28.49 23.68
CA ILE B 445 7.02 -28.89 22.75
C ILE B 445 8.33 -28.87 23.52
N LEU B 446 8.94 -30.03 23.67
CA LEU B 446 10.18 -30.19 24.41
C LEU B 446 11.29 -30.51 23.43
N LEU B 447 12.31 -29.67 23.41
CA LEU B 447 13.40 -29.79 22.46
C LEU B 447 14.61 -30.38 23.18
N PHE B 448 14.90 -31.64 22.91
CA PHE B 448 16.01 -32.34 23.53
C PHE B 448 17.27 -32.21 22.68
N SER B 449 18.41 -32.47 23.31
CA SER B 449 19.66 -32.51 22.58
C SER B 449 19.67 -33.73 21.65
N GLU B 450 20.53 -33.67 20.63
CA GLU B 450 20.49 -34.71 19.61
C GLU B 450 21.09 -36.02 20.09
N ILE B 451 22.01 -35.98 21.06
CA ILE B 451 22.81 -37.15 21.37
C ILE B 451 22.62 -37.65 22.80
N THR B 452 22.31 -36.75 23.74
CA THR B 452 22.33 -37.18 25.14
C THR B 452 21.09 -37.97 25.57
N PRO B 453 19.84 -37.57 25.22
CA PRO B 453 18.74 -38.48 25.60
C PRO B 453 18.52 -39.57 24.56
N SER B 454 19.27 -40.66 24.70
CA SER B 454 19.22 -41.74 23.73
C SER B 454 17.83 -42.35 23.69
N PRO B 455 17.34 -42.76 22.50
CA PRO B 455 15.97 -43.29 22.41
C PRO B 455 15.74 -44.56 23.19
N SER B 456 16.79 -45.29 23.56
CA SER B 456 16.62 -46.53 24.29
C SER B 456 15.95 -46.29 25.64
N THR B 457 16.22 -45.16 26.27
CA THR B 457 15.60 -44.79 27.53
C THR B 457 14.32 -44.00 27.33
N TRP B 458 13.88 -43.81 26.08
CA TRP B 458 12.67 -43.04 25.81
C TRP B 458 11.41 -43.60 26.48
N PRO B 459 11.13 -44.91 26.45
CA PRO B 459 9.90 -45.39 27.13
C PRO B 459 9.87 -45.07 28.61
N THR B 460 11.01 -45.14 29.30
CA THR B 460 11.05 -44.73 30.70
C THR B 460 10.92 -43.21 30.83
N LEU B 461 11.69 -42.46 30.03
CA LEU B 461 11.72 -41.01 30.15
C LEU B 461 10.34 -40.41 29.90
N ALA B 462 9.63 -40.94 28.89
CA ALA B 462 8.27 -40.51 28.64
C ALA B 462 7.41 -40.64 29.89
N GLU B 463 7.51 -41.77 30.59
CA GLU B 463 6.81 -41.94 31.86
C GLU B 463 7.19 -40.83 32.82
N SER B 464 8.50 -40.55 32.94
CA SER B 464 8.95 -39.44 33.77
C SER B 464 8.35 -38.13 33.29
N LEU B 465 8.31 -37.93 31.97
CA LEU B 465 7.62 -36.76 31.43
C LEU B 465 6.16 -36.76 31.84
N HIS B 466 5.50 -37.91 31.69
CA HIS B 466 4.11 -38.02 32.12
C HIS B 466 3.99 -37.90 33.63
N ALA B 467 5.08 -38.14 34.36
CA ALA B 467 5.08 -37.92 35.79
C ALA B 467 5.21 -36.43 36.10
N GLN B 468 5.92 -35.69 35.27
CA GLN B 468 6.24 -34.30 35.57
C GLN B 468 5.40 -33.30 34.79
N LEU B 469 4.49 -33.75 33.93
CA LEU B 469 3.62 -32.84 33.19
C LEU B 469 2.14 -33.08 33.45
N SER B 470 1.76 -34.26 33.92
CA SER B 470 0.36 -34.49 34.30
C SER B 470 -0.11 -33.59 35.44
N PRO B 471 0.64 -33.39 36.53
CA PRO B 471 0.18 -32.43 37.55
C PRO B 471 0.22 -30.98 37.11
N LEU B 472 0.65 -30.70 35.87
CA LEU B 472 0.61 -29.35 35.33
C LEU B 472 -0.53 -29.17 34.34
N GLN B 473 -1.59 -29.98 34.45
CA GLN B 473 -2.78 -29.83 33.63
C GLN B 473 -3.79 -28.90 34.28
N LYS B 474 -4.30 -29.28 35.45
CA LYS B 474 -5.29 -28.46 36.14
C LYS B 474 -4.74 -27.12 36.63
N PRO B 475 -3.63 -27.05 37.36
CA PRO B 475 -3.18 -25.72 37.83
C PRO B 475 -2.81 -24.79 36.70
N LEU B 476 -2.14 -25.29 35.65
CA LEU B 476 -1.81 -24.44 34.53
C LEU B 476 -3.05 -24.06 33.73
N LEU B 477 -4.08 -24.93 33.72
CA LEU B 477 -5.35 -24.57 33.12
C LEU B 477 -5.98 -23.40 33.85
N HIS B 478 -5.94 -23.42 35.19
CA HIS B 478 -6.44 -22.29 35.96
C HIS B 478 -5.61 -21.04 35.72
N SER B 479 -4.29 -21.19 35.63
CA SER B 479 -3.41 -20.05 35.44
C SER B 479 -3.62 -19.38 34.09
N THR B 480 -3.80 -20.18 33.04
CA THR B 480 -3.98 -19.63 31.70
C THR B 480 -5.32 -18.91 31.56
N SER B 481 -6.28 -19.21 32.45
CA SER B 481 -7.57 -18.53 32.42
C SER B 481 -7.49 -17.08 32.84
N TYR B 482 -6.35 -16.63 33.37
CA TYR B 482 -6.19 -15.25 33.79
C TYR B 482 -6.32 -14.29 32.60
N ARG B 483 -6.98 -13.16 32.84
CA ARG B 483 -7.18 -12.14 31.83
C ARG B 483 -6.59 -10.82 32.31
N PRO B 484 -5.68 -10.19 31.56
CA PRO B 484 -5.07 -8.92 31.97
C PRO B 484 -6.04 -7.74 31.90
N THR B 499 -12.32 3.03 26.69
CA THR B 499 -13.17 1.86 26.48
C THR B 499 -14.64 2.25 26.44
N GLN B 500 -15.07 2.80 25.30
CA GLN B 500 -16.46 3.21 25.16
C GLN B 500 -17.38 2.00 25.01
N HIS B 501 -17.12 1.15 24.02
CA HIS B 501 -17.84 -0.11 23.87
C HIS B 501 -16.92 -1.31 23.91
N GLN B 502 -15.90 -1.36 23.05
CA GLN B 502 -14.99 -2.49 22.96
C GLN B 502 -13.62 -1.99 22.49
N ILE B 503 -12.58 -2.50 23.13
CA ILE B 503 -11.20 -2.14 22.80
C ILE B 503 -10.44 -3.42 22.43
N PHE B 504 -9.93 -3.45 21.20
CA PHE B 504 -9.11 -4.57 20.72
C PHE B 504 -7.75 -4.01 20.34
N ASP B 505 -6.77 -4.21 21.20
CA ASP B 505 -5.42 -3.70 20.97
C ASP B 505 -4.47 -4.86 20.67
N LEU B 506 -3.44 -4.55 19.89
CA LEU B 506 -2.42 -5.51 19.49
C LEU B 506 -1.06 -4.96 19.87
N VAL B 507 -0.46 -5.53 20.92
CA VAL B 507 0.86 -5.12 21.38
C VAL B 507 1.88 -6.09 20.80
N TYR B 508 2.77 -5.59 19.95
CA TYR B 508 3.80 -6.40 19.32
C TYR B 508 5.16 -5.85 19.74
N ASP B 509 5.80 -6.51 20.69
CA ASP B 509 7.12 -6.10 21.14
C ASP B 509 8.15 -6.46 20.07
N THR B 510 8.77 -5.44 19.47
CA THR B 510 9.71 -5.69 18.38
C THR B 510 10.94 -6.45 18.85
N GLU B 511 11.46 -6.11 20.03
CA GLU B 511 12.69 -6.72 20.51
C GLU B 511 12.51 -8.21 20.80
N THR B 512 11.41 -8.56 21.47
CA THR B 512 11.18 -9.94 21.90
C THR B 512 10.24 -10.70 20.97
N LEU B 513 9.77 -10.09 19.89
CA LEU B 513 8.92 -10.70 18.87
C LEU B 513 7.58 -11.19 19.42
N THR B 514 7.26 -10.91 20.68
CA THR B 514 6.01 -11.36 21.26
C THR B 514 4.85 -10.52 20.73
N LEU B 515 3.76 -11.19 20.38
CA LEU B 515 2.55 -10.53 19.90
C LEU B 515 1.39 -10.94 20.79
N GLN B 516 0.70 -9.93 21.34
CA GLN B 516 -0.47 -10.14 22.20
C GLN B 516 -1.60 -9.32 21.60
N SER B 517 -2.56 -10.00 20.97
CA SER B 517 -3.64 -9.33 20.26
C SER B 517 -4.99 -9.74 20.85
N THR B 518 -5.80 -8.74 21.20
CA THR B 518 -7.18 -8.96 21.61
C THR B 518 -8.12 -8.92 20.41
N ILE B 519 -7.62 -8.58 19.23
CA ILE B 519 -8.46 -8.45 18.03
C ILE B 519 -8.98 -9.82 17.64
N PRO B 520 -10.29 -10.00 17.50
CA PRO B 520 -10.84 -11.32 17.13
C PRO B 520 -10.45 -11.70 15.71
N ASN B 521 -10.35 -13.00 15.49
CA ASN B 521 -10.03 -13.54 14.17
C ASN B 521 -11.26 -13.52 13.27
N ILE B 522 -11.03 -13.68 11.98
CA ILE B 522 -12.11 -13.67 11.00
C ILE B 522 -12.93 -14.96 11.14
N PRO B 523 -14.26 -14.88 11.23
CA PRO B 523 -15.06 -16.08 11.40
C PRO B 523 -15.06 -16.96 10.16
N ASP B 524 -15.34 -18.24 10.39
CA ASP B 524 -15.44 -19.21 9.31
C ASP B 524 -16.72 -18.97 8.50
N PRO B 525 -16.78 -19.46 7.24
CA PRO B 525 -18.01 -19.32 6.45
C PRO B 525 -19.21 -20.04 7.08
N GLN B 545 -21.31 -17.72 20.13
CA GLN B 545 -21.36 -16.97 18.89
C GLN B 545 -20.22 -15.96 18.82
N SER B 546 -19.93 -15.49 17.61
CA SER B 546 -18.87 -14.52 17.38
C SER B 546 -19.47 -13.12 17.32
N ILE B 547 -18.82 -12.16 17.97
CA ILE B 547 -19.33 -10.79 18.08
C ILE B 547 -19.26 -10.09 16.73
N TRP B 548 -18.43 -10.59 15.83
CA TRP B 548 -18.29 -10.05 14.49
C TRP B 548 -19.12 -10.85 13.50
N THR B 549 -19.38 -10.24 12.35
CA THR B 549 -19.86 -10.95 11.17
C THR B 549 -18.73 -11.02 10.15
N ARG B 550 -18.92 -11.85 9.13
CA ARG B 550 -17.85 -12.15 8.19
C ARG B 550 -17.43 -10.90 7.41
N VAL B 551 -18.40 -10.16 6.88
CA VAL B 551 -18.09 -9.04 6.00
C VAL B 551 -17.46 -7.89 6.79
N GLU B 552 -17.99 -7.59 7.98
CA GLU B 552 -17.41 -6.55 8.81
C GLU B 552 -16.00 -6.92 9.23
N ALA B 553 -15.79 -8.19 9.61
CA ALA B 553 -14.46 -8.67 9.95
C ALA B 553 -13.49 -8.46 8.80
N LEU B 554 -13.88 -8.90 7.59
CA LEU B 554 -13.04 -8.72 6.41
C LEU B 554 -12.70 -7.26 6.19
N GLN B 555 -13.71 -6.38 6.25
CA GLN B 555 -13.50 -4.97 5.96
C GLN B 555 -12.55 -4.33 6.96
N THR B 556 -12.89 -4.40 8.26
CA THR B 556 -12.08 -3.71 9.26
C THR B 556 -10.70 -4.34 9.36
N HIS B 557 -10.60 -5.66 9.12
CA HIS B 557 -9.31 -6.31 9.26
C HIS B 557 -8.41 -5.97 8.09
N ALA B 558 -8.97 -5.87 6.87
CA ALA B 558 -8.22 -5.38 5.73
C ALA B 558 -7.77 -3.94 5.91
N GLN B 559 -8.59 -3.08 6.53
CA GLN B 559 -8.14 -1.74 6.86
C GLN B 559 -6.97 -1.74 7.85
N ILE B 560 -7.01 -2.61 8.86
CA ILE B 560 -5.99 -2.61 9.91
C ILE B 560 -4.60 -2.81 9.32
N LEU B 561 -4.38 -3.90 8.61
CA LEU B 561 -3.03 -4.13 8.11
C LEU B 561 -2.70 -3.28 6.88
N ALA B 562 -3.71 -2.76 6.19
CA ALA B 562 -3.44 -1.80 5.13
C ALA B 562 -2.83 -0.52 5.69
N ILE B 563 -3.42 0.01 6.77
CA ILE B 563 -2.83 1.21 7.37
C ILE B 563 -1.57 0.88 8.15
N LEU B 564 -1.39 -0.37 8.58
CA LEU B 564 -0.09 -0.78 9.10
C LEU B 564 0.98 -0.73 8.00
N SER B 565 0.64 -1.19 6.80
CA SER B 565 1.58 -1.16 5.69
C SER B 565 1.84 0.27 5.22
N SER B 566 0.84 1.14 5.34
CA SER B 566 1.03 2.54 4.94
C SER B 566 2.08 3.21 5.81
N GLY B 567 2.08 2.93 7.11
CA GLY B 567 3.03 3.49 8.04
C GLY B 567 4.31 2.71 8.23
N ARG B 568 4.56 1.71 7.37
CA ARG B 568 5.78 0.90 7.44
C ARG B 568 5.93 0.19 8.78
N ALA B 569 4.83 -0.39 9.27
CA ALA B 569 4.88 -1.15 10.52
C ALA B 569 5.58 -2.49 10.32
N ILE B 570 5.35 -3.12 9.17
CA ILE B 570 5.89 -4.45 8.89
C ILE B 570 7.41 -4.37 8.73
N PRO B 571 8.14 -5.44 9.06
CA PRO B 571 9.60 -5.49 8.84
C PRO B 571 9.96 -5.63 7.37
N GLU B 584 6.68 9.29 16.51
CA GLU B 584 5.53 8.73 17.22
C GLU B 584 4.73 7.82 16.31
N GLY B 585 4.40 8.31 15.12
CA GLY B 585 3.66 7.52 14.14
C GLY B 585 2.26 7.12 14.57
N GLU B 586 1.52 8.03 15.20
CA GLU B 586 0.16 7.75 15.64
C GLU B 586 -0.78 7.93 14.44
N ARG B 587 -0.94 6.84 13.69
CA ARG B 587 -1.76 6.87 12.48
C ARG B 587 -3.19 6.48 12.84
N THR B 588 -3.89 7.41 13.48
CA THR B 588 -5.28 7.19 13.84
C THR B 588 -6.16 7.24 12.59
N CYS B 589 -7.07 6.28 12.48
CA CYS B 589 -7.94 6.16 11.31
C CYS B 589 -9.35 5.85 11.78
N LYS B 590 -10.32 6.63 11.31
CA LYS B 590 -11.72 6.40 11.64
C LYS B 590 -12.41 5.71 10.47
N THR B 591 -13.67 5.32 10.69
CA THR B 591 -14.45 4.62 9.67
C THR B 591 -15.85 5.21 9.61
N ALA B 592 -16.61 4.74 8.61
CA ALA B 592 -18.03 5.06 8.55
C ALA B 592 -18.87 4.12 9.40
N ARG B 593 -18.31 3.00 9.83
CA ARG B 593 -19.02 2.04 10.66
C ARG B 593 -18.72 2.19 12.15
N GLY B 594 -17.94 3.19 12.54
CA GLY B 594 -17.63 3.39 13.94
C GLY B 594 -16.41 2.65 14.45
N TRP B 595 -15.49 2.25 13.56
CA TRP B 595 -14.27 1.57 13.97
C TRP B 595 -13.16 2.62 14.07
N TRP B 596 -12.51 2.68 15.23
CA TRP B 596 -11.55 3.74 15.55
C TRP B 596 -10.17 3.09 15.78
N ILE B 597 -9.35 3.04 14.74
CA ILE B 597 -8.01 2.47 14.89
C ILE B 597 -7.07 3.56 15.40
N VAL B 598 -6.30 3.24 16.43
CA VAL B 598 -5.24 4.09 16.94
C VAL B 598 -3.96 3.25 16.93
N TRP B 599 -3.09 3.50 15.97
CA TRP B 599 -1.81 2.82 15.88
C TRP B 599 -0.70 3.75 16.33
N THR B 600 0.06 3.32 17.33
CA THR B 600 1.17 4.09 17.86
C THR B 600 2.43 3.23 17.87
N ARG B 601 3.57 3.89 17.73
CA ARG B 601 4.88 3.26 17.72
C ARG B 601 5.59 3.60 19.02
N VAL B 602 5.66 2.65 19.94
CA VAL B 602 6.26 2.87 21.24
C VAL B 602 7.60 2.15 21.34
N GLY B 632 9.67 -0.19 22.15
CA GLY B 632 9.62 -1.00 20.94
C GLY B 632 8.31 -1.76 20.80
N HIS B 633 7.19 -1.05 20.93
CA HIS B 633 5.87 -1.65 20.87
C HIS B 633 5.09 -1.07 19.70
N LEU B 634 4.50 -1.95 18.89
CA LEU B 634 3.63 -1.53 17.79
C LEU B 634 2.17 -1.59 18.22
N ARG B 635 1.78 -0.65 19.08
CA ARG B 635 0.46 -0.70 19.68
C ARG B 635 -0.61 -0.40 18.63
N SER B 636 -1.67 -1.21 18.61
CA SER B 636 -2.64 -1.21 17.51
C SER B 636 -4.07 -1.23 18.06
N VAL B 637 -4.38 -0.27 18.95
CA VAL B 637 -5.71 -0.22 19.55
C VAL B 637 -6.76 -0.04 18.45
N SER B 638 -7.95 -0.61 18.66
CA SER B 638 -9.02 -0.50 17.69
C SER B 638 -10.36 -0.54 18.42
N SER B 639 -10.93 0.63 18.65
CA SER B 639 -12.24 0.74 19.29
C SER B 639 -13.35 0.37 18.32
N SER B 640 -14.45 -0.15 18.88
CA SER B 640 -15.60 -0.62 18.11
C SER B 640 -16.81 0.23 18.44
N HIS B 641 -17.51 0.68 17.40
CA HIS B 641 -18.74 1.48 17.54
C HIS B 641 -18.55 2.71 18.43
#